data_6N1S
#
_entry.id   6N1S
#
_cell.length_a   53.689
_cell.length_b   145.522
_cell.length_c   175.922
_cell.angle_alpha   90.000
_cell.angle_beta   90.000
_cell.angle_gamma   90.000
#
_symmetry.space_group_name_H-M   'P 21 21 21'
#
loop_
_entity.id
_entity.type
_entity.pdbx_description
1 polymer 'Bifunctional dihydrofolate reductase-thymidylate synthase'
2 non-polymer "2'-DEOXYURIDINE 5'-MONOPHOSPHATE"
3 non-polymer 'NADPH DIHYDRO-NICOTINAMIDE-ADENINE-DINUCLEOTIDE PHOSPHATE'
4 non-polymer '10-PROPARGYL-5,8-DIDEAZAFOLIC ACID'
5 non-polymer 5-{4-[3-(2-methylpyrimidin-5-yl)phenyl]piperazin-1-yl}pyrimidine-2,4-diamine
6 non-polymer 1,2-ETHANEDIOL
#
_entity_poly.entity_id   1
_entity_poly.type   'polypeptide(L)'
_entity_poly.pdbx_seq_one_letter_code
;MQKPVCLVVAMTPKRGIGINNGLPWPHLTTDFKHFSRVTKTTPEEASRFNAVVMGRKTWESMPRKFRPLVDRLNIVVSSS
LKEEDIAAEKPQAEGQQRVRVCASLPAALSLLEEEYKDSVDQIFVVGGAGLYEAALSLGVASHLYITRVAREFPCDVFFP
AFPGDDILSNKSTAAEKDNEATYRPIFISKTFSDNGVPYDFVVLEKRRKTDDAATAEPSNAMSSLTSTRETTPVHGLQAP
SSAAAIAPVLAWMDEEDRKKREQKELIRAVPHVHFRGHEEFQYLDLIADIINNGRTMDDRTGVGVISKFGCTMRYSLDQA
FPLLTTKRVFWKGVLEELLWFIRGDTNANHLSEKGVKIWDKNVTREFLDSRNLPHREVGDIGPGYGFQWRHFGAAYKDMH
TDYTGQGVDQLKNVIQMLRTNPTDRRMLMTAWNPAALDEMALPPCHLLCQFYVNDQKELSCIMYQRSCDVGLGVPFNIAS
YSLLTLMVAHVCNLKPKEFIHFMGNTHVYTNHVEALKEQLRREPRPFPIVNILNKERIKEIDDFTAEDFEVVGYVPHGRI
QMEMAV
;
_entity_poly.pdbx_strand_id   A,B
#
loop_
_chem_comp.id
_chem_comp.type
_chem_comp.name
_chem_comp.formula
CB3 non-polymer '10-PROPARGYL-5,8-DIDEAZAFOLIC ACID' 'C24 H23 N5 O6'
EDO non-polymer 1,2-ETHANEDIOL 'C2 H6 O2'
K9A non-polymer 5-{4-[3-(2-methylpyrimidin-5-yl)phenyl]piperazin-1-yl}pyrimidine-2,4-diamine 'C19 H22 N8'
NDP non-polymer 'NADPH DIHYDRO-NICOTINAMIDE-ADENINE-DINUCLEOTIDE PHOSPHATE' 'C21 H30 N7 O17 P3'
UMP non-polymer '2'-DEOXYURIDINE 5'-MONOPHOSPHATE' 'C9 H13 N2 O8 P'
#
# COMPACT_ATOMS: atom_id res chain seq x y z
N LYS A 3 41.25 3.70 -10.43
CA LYS A 3 42.09 2.47 -10.18
C LYS A 3 41.22 1.22 -10.08
N PRO A 4 40.10 1.23 -9.30
CA PRO A 4 39.20 0.08 -9.27
C PRO A 4 38.20 0.07 -10.44
N VAL A 5 38.35 -0.95 -11.27
CA VAL A 5 37.51 -1.22 -12.45
C VAL A 5 36.10 -1.73 -12.12
N CYS A 6 35.18 -1.53 -13.08
CA CYS A 6 33.85 -2.17 -13.08
C CYS A 6 33.72 -3.09 -14.28
N LEU A 7 33.03 -4.20 -14.11
CA LEU A 7 32.70 -5.10 -15.24
C LEU A 7 31.28 -4.84 -15.69
N VAL A 8 31.06 -4.87 -16.98
CA VAL A 8 29.69 -4.76 -17.52
C VAL A 8 29.44 -5.92 -18.49
N VAL A 9 28.37 -6.66 -18.26
CA VAL A 9 28.17 -7.94 -18.98
C VAL A 9 26.71 -8.36 -18.99
N ALA A 10 26.33 -9.05 -20.05
CA ALA A 10 25.05 -9.73 -20.12
C ALA A 10 25.31 -11.21 -20.31
N MET A 11 24.46 -12.04 -19.71
CA MET A 11 24.87 -13.41 -19.35
C MET A 11 23.66 -14.31 -19.25
N THR A 12 23.72 -15.49 -19.86
CA THR A 12 22.66 -16.51 -19.66
C THR A 12 22.85 -17.11 -18.27
N PRO A 13 21.88 -17.91 -17.77
CA PRO A 13 22.01 -18.51 -16.45
C PRO A 13 23.21 -19.43 -16.31
N LYS A 14 23.66 -19.95 -17.44
CA LYS A 14 24.84 -20.83 -17.49
C LYS A 14 26.11 -20.03 -17.77
N ARG A 15 26.02 -18.71 -17.61
CA ARG A 15 27.15 -17.76 -17.77
C ARG A 15 27.57 -17.58 -19.22
N GLY A 16 26.71 -17.96 -20.15
CA GLY A 16 27.00 -17.81 -21.57
C GLY A 16 26.94 -16.38 -22.01
N ILE A 17 27.93 -15.94 -22.78
CA ILE A 17 27.98 -14.53 -23.29
C ILE A 17 28.00 -14.43 -24.82
N GLY A 18 28.47 -15.47 -25.51
CA GLY A 18 28.72 -15.36 -26.95
C GLY A 18 28.67 -16.66 -27.73
N ILE A 19 28.36 -16.55 -29.02
CA ILE A 19 28.46 -17.66 -29.98
C ILE A 19 28.84 -17.14 -31.37
N ASN A 20 29.79 -17.82 -32.00
CA ASN A 20 30.18 -17.50 -33.40
C ASN A 20 30.61 -16.05 -33.50
N ASN A 21 31.33 -15.62 -32.48
CA ASN A 21 31.83 -14.24 -32.39
C ASN A 21 30.70 -13.22 -32.50
N GLY A 22 29.53 -13.60 -32.02
CA GLY A 22 28.42 -12.66 -31.87
C GLY A 22 27.72 -12.89 -30.57
N LEU A 23 26.59 -12.24 -30.41
CA LEU A 23 25.75 -12.39 -29.20
C LEU A 23 24.83 -13.58 -29.39
N PRO A 24 24.45 -14.26 -28.30
CA PRO A 24 23.65 -15.47 -28.45
C PRO A 24 22.17 -15.22 -28.75
N TRP A 25 21.67 -14.06 -28.35
CA TRP A 25 20.23 -13.72 -28.30
C TRP A 25 19.89 -12.69 -29.37
N PRO A 26 18.59 -12.54 -29.72
CA PRO A 26 18.17 -11.41 -30.52
C PRO A 26 18.39 -10.09 -29.77
N HIS A 27 18.19 -8.95 -30.44
CA HIS A 27 18.53 -7.62 -29.88
C HIS A 27 17.66 -7.34 -28.64
N LEU A 28 18.30 -7.03 -27.51
CA LEU A 28 17.67 -6.58 -26.23
C LEU A 28 17.87 -5.08 -26.10
N THR A 29 16.89 -4.32 -26.55
CA THR A 29 16.96 -2.84 -26.63
C THR A 29 17.31 -2.19 -25.29
N THR A 30 16.60 -2.59 -24.26
CA THR A 30 16.78 -1.99 -22.92
C THR A 30 18.19 -2.28 -22.42
N ASP A 31 18.70 -3.47 -22.69
CA ASP A 31 20.08 -3.82 -22.25
C ASP A 31 21.09 -2.89 -22.92
N PHE A 32 20.89 -2.60 -24.19
CA PHE A 32 21.82 -1.72 -24.93
C PHE A 32 21.75 -0.30 -24.39
N LYS A 33 20.56 0.13 -24.01
CA LYS A 33 20.38 1.49 -23.46
C LYS A 33 21.19 1.58 -22.18
N HIS A 34 20.95 0.60 -21.33
CA HIS A 34 21.66 0.44 -20.04
C HIS A 34 23.18 0.47 -20.24
N PHE A 35 23.68 -0.36 -21.14
CA PHE A 35 25.13 -0.44 -21.42
C PHE A 35 25.67 0.93 -21.77
N SER A 36 24.98 1.61 -22.69
CA SER A 36 25.39 2.94 -23.18
C SER A 36 25.37 3.92 -22.02
N ARG A 37 24.26 3.89 -21.28
CA ARG A 37 24.07 4.86 -20.20
C ARG A 37 25.09 4.68 -19.09
N VAL A 38 25.38 3.43 -18.73
CA VAL A 38 26.34 3.17 -17.63
C VAL A 38 27.75 3.55 -18.05
N THR A 39 28.11 3.25 -19.30
CA THR A 39 29.50 3.47 -19.74
C THR A 39 29.78 4.92 -20.13
N LYS A 40 28.77 5.65 -20.59
CA LYS A 40 28.91 7.07 -20.96
C LYS A 40 28.74 8.02 -19.78
N THR A 41 27.78 7.79 -18.90
CA THR A 41 27.41 8.86 -17.95
C THR A 41 28.54 9.19 -16.93
N THR A 42 28.77 10.48 -16.66
CA THR A 42 29.91 11.02 -15.86
C THR A 42 29.57 12.44 -15.41
N PRO A 43 30.04 12.90 -14.22
CA PRO A 43 29.77 14.27 -13.77
C PRO A 43 30.67 15.34 -14.43
N ALA A 46 32.48 18.24 -15.03
CA ALA A 46 33.92 18.04 -15.30
C ALA A 46 34.12 17.65 -16.78
N SER A 47 35.30 17.94 -17.34
CA SER A 47 35.74 17.50 -18.68
C SER A 47 36.19 16.03 -18.63
N ARG A 48 36.09 15.39 -17.45
CA ARG A 48 36.13 13.92 -17.29
C ARG A 48 34.80 13.33 -17.80
N PHE A 49 36.39 11.65 -19.53
CA PHE A 49 35.49 10.66 -20.15
C PHE A 49 35.71 9.35 -19.44
N ASN A 50 34.83 8.39 -19.64
CA ASN A 50 35.07 7.01 -19.17
C ASN A 50 35.86 6.24 -20.21
N ALA A 51 36.51 5.18 -19.77
CA ALA A 51 37.24 4.29 -20.68
C ALA A 51 36.52 2.95 -20.75
N VAL A 52 36.48 2.36 -21.93
CA VAL A 52 36.06 0.94 -22.05
C VAL A 52 37.23 0.12 -22.54
N VAL A 53 37.46 -0.98 -21.86
CA VAL A 53 38.54 -1.92 -22.22
C VAL A 53 37.91 -3.21 -22.71
N MET A 54 38.38 -3.70 -23.86
CA MET A 54 37.78 -4.87 -24.52
C MET A 54 38.86 -5.73 -25.17
N GLY A 55 38.54 -7.01 -25.37
CA GLY A 55 39.39 -7.93 -26.11
C GLY A 55 39.22 -7.78 -27.60
N ARG A 56 40.15 -8.34 -28.36
CA ARG A 56 40.19 -8.20 -29.83
C ARG A 56 38.91 -8.71 -30.48
N LYS A 57 38.49 -9.90 -30.07
CA LYS A 57 37.32 -10.54 -30.69
C LYS A 57 36.06 -9.74 -30.36
N THR A 58 36.00 -9.18 -29.16
CA THR A 58 34.86 -8.32 -28.77
C THR A 58 34.84 -7.10 -29.69
N TRP A 59 36.00 -6.53 -29.94
CA TRP A 59 36.12 -5.39 -30.86
C TRP A 59 35.62 -5.80 -32.25
N GLU A 60 36.03 -6.98 -32.69
CA GLU A 60 35.65 -7.49 -34.03
C GLU A 60 34.16 -7.83 -34.07
N SER A 61 33.59 -8.25 -32.94
CA SER A 61 32.18 -8.68 -32.90
C SER A 61 31.24 -7.51 -33.09
N MET A 62 31.72 -6.33 -32.75
CA MET A 62 30.92 -5.08 -32.78
C MET A 62 30.75 -4.62 -34.21
N PRO A 63 29.51 -4.23 -34.60
CA PRO A 63 29.29 -3.68 -35.93
C PRO A 63 30.09 -2.40 -36.16
N ARG A 64 30.61 -2.26 -37.38
CA ARG A 64 31.46 -1.12 -37.77
C ARG A 64 30.80 0.22 -37.37
N LYS A 65 29.49 0.37 -37.56
CA LYS A 65 28.77 1.67 -37.37
C LYS A 65 28.88 2.11 -35.91
N PHE A 66 29.02 1.18 -34.99
CA PHE A 66 29.06 1.47 -33.54
C PHE A 66 30.51 1.57 -33.03
N ARG A 67 31.49 1.24 -33.85
CA ARG A 67 32.87 1.13 -33.34
C ARG A 67 33.79 2.14 -34.01
N PRO A 68 34.57 2.94 -33.22
CA PRO A 68 34.71 2.82 -31.76
C PRO A 68 33.48 3.32 -31.01
N LEU A 69 33.32 2.86 -29.77
CA LEU A 69 32.21 3.28 -28.92
C LEU A 69 32.32 4.77 -28.66
N VAL A 70 31.28 5.53 -29.01
CA VAL A 70 31.37 7.02 -28.99
C VAL A 70 31.44 7.58 -27.57
N ASP A 71 32.19 8.67 -27.44
CA ASP A 71 32.32 9.45 -26.19
C ASP A 71 33.04 8.67 -25.11
N ARG A 72 33.69 7.58 -25.47
CA ARG A 72 34.41 6.76 -24.50
C ARG A 72 35.76 6.44 -25.07
N LEU A 73 36.80 6.54 -24.25
CA LEU A 73 38.13 6.09 -24.65
C LEU A 73 38.09 4.60 -24.84
N ASN A 74 38.46 4.14 -26.02
CA ASN A 74 38.46 2.69 -26.31
C ASN A 74 39.88 2.15 -26.18
N ILE A 75 40.01 1.08 -25.43
CA ILE A 75 41.29 0.34 -25.38
C ILE A 75 41.04 -1.10 -25.77
N VAL A 76 41.80 -1.58 -26.74
CA VAL A 76 41.69 -2.99 -27.17
C VAL A 76 42.92 -3.75 -26.70
N VAL A 77 42.68 -4.88 -26.06
CA VAL A 77 43.76 -5.80 -25.64
C VAL A 77 43.97 -6.80 -26.75
N SER A 78 45.15 -6.79 -27.34
CA SER A 78 45.48 -7.68 -28.46
C SER A 78 47.00 -7.69 -28.61
N SER A 79 47.51 -8.76 -29.19
CA SER A 79 48.95 -8.87 -29.49
C SER A 79 49.17 -8.84 -30.98
N SER A 80 48.10 -8.99 -31.75
CA SER A 80 48.16 -9.06 -33.23
C SER A 80 47.76 -7.73 -33.88
N LEU A 81 46.68 -7.13 -33.37
CA LEU A 81 46.20 -5.83 -33.87
C LEU A 81 47.13 -4.73 -33.41
N LYS A 82 47.39 -3.80 -34.32
CA LYS A 82 48.14 -2.58 -34.02
C LYS A 82 47.22 -1.37 -34.12
N GLU A 83 47.65 -0.29 -33.49
CA GLU A 83 46.84 0.95 -33.43
C GLU A 83 46.56 1.46 -34.84
N GLU A 84 47.48 1.24 -35.75
CA GLU A 84 47.33 1.70 -37.14
C GLU A 84 46.31 0.87 -37.90
N ASP A 85 46.24 -0.41 -37.56
CA ASP A 85 45.22 -1.31 -38.14
C ASP A 85 43.86 -0.67 -37.88
N ILE A 86 43.65 -0.26 -36.64
CA ILE A 86 42.34 0.27 -36.21
C ILE A 86 42.09 1.65 -36.81
N ALA A 87 43.12 2.49 -36.80
CA ALA A 87 43.01 3.84 -37.37
C ALA A 87 42.66 3.76 -38.84
N ALA A 88 43.17 2.72 -39.51
CA ALA A 88 42.97 2.54 -40.96
C ALA A 88 41.57 2.02 -41.26
N GLU A 89 40.99 1.30 -40.32
CA GLU A 89 39.66 0.68 -40.47
C GLU A 89 38.56 1.72 -40.67
N LYS A 90 38.65 2.86 -39.99
CA LYS A 90 37.63 3.91 -40.12
C LYS A 90 38.19 5.25 -39.65
N PRO A 91 37.92 6.38 -40.35
CA PRO A 91 38.53 7.66 -39.97
C PRO A 91 38.07 8.16 -38.58
N GLN A 92 39.02 8.51 -37.71
CA GLN A 92 38.76 9.08 -36.36
C GLN A 92 37.92 10.35 -36.51
N ALA A 93 36.75 10.41 -35.85
CA ALA A 93 35.86 11.58 -35.85
C ALA A 93 36.47 12.68 -34.96
N GLU A 94 36.32 13.95 -35.35
CA GLU A 94 36.92 15.07 -34.57
C GLU A 94 36.29 15.08 -33.18
N GLY A 95 37.11 15.28 -32.15
CA GLY A 95 36.68 15.40 -30.74
C GLY A 95 36.74 14.08 -30.02
N GLN A 96 36.73 12.98 -30.77
CA GLN A 96 36.82 11.63 -30.16
C GLN A 96 38.27 11.23 -29.95
N GLN A 97 38.48 10.26 -29.07
CA GLN A 97 39.83 9.81 -28.68
C GLN A 97 40.30 8.71 -29.62
N ARG A 98 41.59 8.75 -29.92
CA ARG A 98 42.17 7.70 -30.79
C ARG A 98 42.32 6.40 -30.02
N VAL A 99 41.88 5.30 -30.63
CA VAL A 99 41.83 3.99 -29.99
C VAL A 99 43.25 3.53 -29.66
N ARG A 100 43.41 3.08 -28.43
CA ARG A 100 44.69 2.49 -27.97
C ARG A 100 44.65 0.97 -28.02
N VAL A 101 45.80 0.36 -28.24
CA VAL A 101 45.94 -1.11 -28.16
C VAL A 101 46.98 -1.45 -27.13
N CYS A 102 46.69 -2.42 -26.27
CA CYS A 102 47.61 -2.87 -25.20
C CYS A 102 47.77 -4.37 -25.26
N ALA A 103 48.86 -4.88 -24.69
CA ALA A 103 49.21 -6.31 -24.80
C ALA A 103 48.50 -7.16 -23.74
N SER A 104 48.03 -6.54 -22.68
CA SER A 104 47.35 -7.31 -21.63
C SER A 104 46.51 -6.37 -20.82
N LEU A 105 45.74 -6.92 -19.90
CA LEU A 105 44.89 -6.08 -19.04
C LEU A 105 45.79 -5.22 -18.13
N PRO A 106 46.81 -5.82 -17.48
CA PRO A 106 47.73 -5.01 -16.67
C PRO A 106 48.32 -3.82 -17.44
N ALA A 107 48.64 -4.04 -18.71
CA ALA A 107 49.20 -2.97 -19.56
C ALA A 107 48.16 -1.89 -19.82
N ALA A 108 46.91 -2.29 -20.02
CA ALA A 108 45.82 -1.33 -20.28
C ALA A 108 45.61 -0.43 -19.08
N LEU A 109 45.70 -1.01 -17.89
CA LEU A 109 45.51 -0.26 -16.63
C LEU A 109 46.70 0.64 -16.33
N SER A 110 47.90 0.22 -16.71
CA SER A 110 49.10 1.06 -16.58
C SER A 110 48.97 2.28 -17.48
N LEU A 111 48.55 2.04 -18.72
CA LEU A 111 48.44 3.12 -19.72
C LEU A 111 47.45 4.15 -19.20
N LEU A 112 46.36 3.67 -18.66
CA LEU A 112 45.32 4.55 -18.10
C LEU A 112 45.92 5.44 -17.00
N GLU A 113 46.75 4.88 -16.13
CA GLU A 113 47.43 5.66 -15.04
C GLU A 113 48.42 6.63 -15.69
N GLU A 114 49.39 6.08 -16.42
CA GLU A 114 50.52 6.85 -17.04
C GLU A 114 49.98 8.02 -17.88
N GLU A 115 49.29 7.68 -18.95
CA GLU A 115 48.97 8.70 -19.99
C GLU A 115 47.63 9.36 -19.72
N TYR A 116 46.79 8.83 -18.83
CA TYR A 116 45.44 9.43 -18.72
C TYR A 116 44.98 9.66 -17.26
N LYS A 117 45.89 10.05 -16.36
CA LYS A 117 45.46 10.19 -14.94
C LYS A 117 44.41 11.30 -14.84
N ASP A 118 44.51 12.38 -15.65
CA ASP A 118 43.66 13.58 -15.52
C ASP A 118 42.43 13.54 -16.46
N SER A 119 42.31 12.49 -17.28
CA SER A 119 41.42 12.43 -18.48
C SER A 119 40.23 11.53 -18.21
N VAL A 120 40.48 10.36 -17.63
CA VAL A 120 39.39 9.35 -17.46
C VAL A 120 38.85 9.38 -16.05
N ASP A 121 37.56 9.08 -15.96
CA ASP A 121 36.85 8.96 -14.67
C ASP A 121 36.78 7.49 -14.32
N GLN A 122 35.85 6.78 -14.94
CA GLN A 122 35.64 5.35 -14.61
C GLN A 122 36.22 4.44 -15.67
N ILE A 123 36.65 3.27 -15.22
CA ILE A 123 37.17 2.23 -16.12
C ILE A 123 36.19 1.08 -16.17
N PHE A 124 35.80 0.69 -17.38
CA PHE A 124 34.84 -0.40 -17.61
C PHE A 124 35.51 -1.48 -18.43
N VAL A 125 35.49 -2.70 -17.92
CA VAL A 125 35.88 -3.88 -18.71
C VAL A 125 34.62 -4.48 -19.34
N VAL A 126 34.66 -4.64 -20.64
CA VAL A 126 33.42 -4.81 -21.45
C VAL A 126 33.49 -6.11 -22.26
N GLY A 127 34.39 -7.02 -21.89
CA GLY A 127 34.46 -8.35 -22.51
C GLY A 127 35.67 -8.49 -23.42
N GLY A 128 35.94 -9.71 -23.88
CA GLY A 128 35.16 -10.90 -23.56
C GLY A 128 35.71 -11.66 -22.39
N ALA A 129 35.60 -12.98 -22.47
CA ALA A 129 35.93 -13.89 -21.35
C ALA A 129 37.39 -13.74 -20.95
N GLY A 130 38.24 -13.49 -21.93
CA GLY A 130 39.66 -13.23 -21.67
C GLY A 130 39.84 -12.11 -20.68
N LEU A 131 39.16 -11.00 -20.92
CA LEU A 131 39.30 -9.80 -20.07
C LEU A 131 38.57 -9.96 -18.75
N TYR A 132 37.39 -10.56 -18.76
CA TYR A 132 36.61 -10.75 -17.53
C TYR A 132 37.41 -11.59 -16.56
N GLU A 133 38.00 -12.65 -17.09
CA GLU A 133 38.80 -13.61 -16.30
C GLU A 133 40.02 -12.92 -15.69
N ALA A 134 40.74 -12.16 -16.50
CA ALA A 134 41.93 -11.46 -16.03
C ALA A 134 41.56 -10.48 -14.94
N ALA A 135 40.52 -9.68 -15.20
CA ALA A 135 40.07 -8.66 -14.23
C ALA A 135 39.73 -9.27 -12.89
N LEU A 136 39.08 -10.42 -12.88
CA LEU A 136 38.71 -11.11 -11.63
C LEU A 136 39.93 -11.73 -10.98
N SER A 137 40.88 -12.19 -11.79
CA SER A 137 42.13 -12.77 -11.27
C SER A 137 42.95 -11.70 -10.58
N LEU A 138 43.03 -10.53 -11.19
CA LEU A 138 43.80 -9.41 -10.61
C LEU A 138 43.10 -8.88 -9.37
N GLY A 139 41.81 -9.09 -9.27
CA GLY A 139 41.03 -8.59 -8.13
C GLY A 139 40.84 -7.11 -8.18
N VAL A 140 40.81 -6.53 -9.37
CA VAL A 140 40.71 -5.06 -9.52
C VAL A 140 39.27 -4.62 -9.75
N ALA A 141 38.35 -5.55 -9.89
CA ALA A 141 36.95 -5.22 -10.15
C ALA A 141 36.22 -4.96 -8.84
N SER A 142 35.66 -3.77 -8.68
CA SER A 142 34.91 -3.43 -7.45
C SER A 142 33.44 -3.82 -7.58
N HIS A 143 32.93 -3.68 -8.81
CA HIS A 143 31.48 -3.87 -9.08
C HIS A 143 31.27 -4.69 -10.33
N LEU A 144 30.24 -5.50 -10.34
CA LEU A 144 29.81 -6.16 -11.59
C LEU A 144 28.44 -5.62 -11.96
N TYR A 145 28.33 -5.05 -13.15
CA TYR A 145 27.02 -4.74 -13.74
C TYR A 145 26.62 -5.92 -14.59
N ILE A 146 25.69 -6.73 -14.09
CA ILE A 146 25.29 -7.97 -14.78
C ILE A 146 23.86 -7.86 -15.26
N THR A 147 23.66 -8.01 -16.56
CA THR A 147 22.33 -8.20 -17.11
C THR A 147 22.07 -9.69 -17.11
N ARG A 148 21.12 -10.16 -16.32
CA ARG A 148 20.83 -11.61 -16.27
C ARG A 148 19.80 -11.95 -17.32
N VAL A 149 20.24 -12.61 -18.38
CA VAL A 149 19.30 -13.12 -19.39
C VAL A 149 18.76 -14.43 -18.84
N ALA A 150 17.44 -14.56 -18.80
CA ALA A 150 16.79 -15.69 -18.11
C ALA A 150 16.70 -16.93 -19.00
N ARG A 151 16.72 -16.73 -20.30
CA ARG A 151 16.72 -17.87 -21.23
C ARG A 151 18.12 -18.37 -21.52
N GLU A 152 18.22 -19.67 -21.70
CA GLU A 152 19.47 -20.26 -22.18
C GLU A 152 19.52 -20.18 -23.70
N PHE A 153 20.69 -19.91 -24.24
CA PHE A 153 20.93 -19.88 -25.69
C PHE A 153 22.21 -20.64 -25.95
N PRO A 154 22.35 -21.22 -27.15
CA PRO A 154 23.63 -21.76 -27.59
C PRO A 154 24.75 -20.73 -27.43
N CYS A 155 25.78 -21.10 -26.68
CA CYS A 155 26.95 -20.24 -26.42
C CYS A 155 28.23 -21.04 -26.53
N ASP A 156 29.29 -20.42 -27.01
CA ASP A 156 30.62 -21.07 -27.02
C ASP A 156 31.59 -20.29 -26.15
N VAL A 157 31.17 -19.13 -25.67
CA VAL A 157 32.02 -18.31 -24.77
C VAL A 157 31.25 -17.99 -23.49
N PHE A 158 31.94 -18.10 -22.37
CA PHE A 158 31.30 -18.04 -21.03
C PHE A 158 32.03 -17.05 -20.12
N PHE A 159 31.27 -16.34 -19.30
CA PHE A 159 31.82 -15.50 -18.23
C PHE A 159 32.35 -16.46 -17.18
N PRO A 160 33.51 -16.19 -16.57
CA PRO A 160 34.10 -17.14 -15.64
C PRO A 160 33.28 -17.35 -14.36
N ALA A 161 33.49 -18.50 -13.76
CA ALA A 161 32.99 -18.80 -12.41
C ALA A 161 33.49 -17.74 -11.44
N PHE A 162 32.63 -17.35 -10.50
CA PHE A 162 33.00 -16.38 -9.46
C PHE A 162 32.20 -16.65 -8.20
N PRO A 163 32.81 -16.43 -7.02
CA PRO A 163 32.09 -16.56 -5.76
C PRO A 163 30.92 -15.57 -5.71
N GLY A 164 29.72 -16.11 -5.59
CA GLY A 164 28.51 -15.31 -5.72
C GLY A 164 27.82 -15.54 -7.04
N ASP A 165 28.32 -16.48 -7.84
CA ASP A 165 27.67 -16.75 -9.15
C ASP A 165 26.38 -17.52 -9.00
N ASP A 166 25.93 -17.68 -7.77
CA ASP A 166 24.64 -18.31 -7.45
C ASP A 166 23.47 -17.36 -7.67
N ILE A 167 23.76 -16.12 -8.02
CA ILE A 167 22.80 -15.09 -8.50
C ILE A 167 22.24 -15.50 -9.85
N LEU A 168 22.93 -16.42 -10.53
CA LEU A 168 22.62 -16.72 -11.94
C LEU A 168 21.81 -17.99 -12.04
N SER A 169 22.26 -19.02 -11.35
CA SER A 169 21.52 -20.29 -11.32
C SER A 169 21.99 -21.12 -10.13
N ASN A 170 21.30 -22.23 -9.91
CA ASN A 170 21.59 -23.15 -8.81
C ASN A 170 22.91 -23.90 -9.06
N LYS A 171 23.69 -24.10 -8.01
CA LYS A 171 24.92 -24.94 -8.05
C LYS A 171 24.53 -26.39 -7.74
N ALA A 181 37.02 -13.11 -0.67
CA ALA A 181 36.39 -12.07 -1.51
C ALA A 181 35.22 -12.67 -2.29
N THR A 182 33.99 -12.17 -2.07
CA THR A 182 32.74 -12.65 -2.72
C THR A 182 32.03 -11.45 -3.33
N TYR A 183 31.20 -11.69 -4.32
CA TYR A 183 30.48 -10.59 -5.00
C TYR A 183 29.02 -10.66 -4.63
N ARG A 184 28.57 -9.71 -3.83
CA ARG A 184 27.19 -9.74 -3.32
C ARG A 184 26.37 -8.67 -4.00
N PRO A 185 25.11 -9.01 -4.33
CA PRO A 185 24.21 -8.08 -5.00
C PRO A 185 23.73 -6.96 -4.08
N ILE A 186 23.76 -5.77 -4.63
CA ILE A 186 23.38 -4.57 -3.87
C ILE A 186 22.19 -3.94 -4.58
N PHE A 187 21.80 -4.55 -5.69
CA PHE A 187 20.83 -3.97 -6.62
C PHE A 187 20.19 -5.08 -7.43
N ILE A 188 18.87 -5.15 -7.40
CA ILE A 188 18.13 -6.11 -8.25
C ILE A 188 16.90 -5.44 -8.82
N SER A 189 16.89 -5.25 -10.13
CA SER A 189 15.80 -4.52 -10.81
C SER A 189 14.58 -5.42 -11.00
N LYS A 190 13.49 -4.82 -11.46
CA LYS A 190 12.34 -5.61 -11.92
C LYS A 190 12.71 -6.25 -13.25
N THR A 191 11.83 -7.11 -13.71
CA THR A 191 12.09 -7.93 -14.90
C THR A 191 11.69 -7.18 -16.17
N PHE A 192 12.58 -7.14 -17.13
CA PHE A 192 12.35 -6.53 -18.45
C PHE A 192 12.20 -7.65 -19.46
N SER A 193 11.73 -7.29 -20.64
CA SER A 193 11.74 -8.24 -21.77
C SER A 193 11.80 -7.52 -23.11
N ASP A 194 12.55 -8.09 -24.05
CA ASP A 194 12.58 -7.66 -25.44
C ASP A 194 12.66 -8.91 -26.29
N ASN A 195 11.89 -8.96 -27.36
CA ASN A 195 11.93 -10.05 -28.36
C ASN A 195 11.78 -11.43 -27.71
N GLY A 196 10.89 -11.51 -26.73
CA GLY A 196 10.56 -12.77 -26.09
C GLY A 196 11.65 -13.26 -25.17
N VAL A 197 12.50 -12.34 -24.71
CA VAL A 197 13.60 -12.69 -23.78
C VAL A 197 13.43 -11.92 -22.48
N PRO A 198 13.22 -12.62 -21.35
CA PRO A 198 13.21 -11.94 -20.07
C PRO A 198 14.62 -11.69 -19.55
N TYR A 199 14.82 -10.56 -18.90
CA TYR A 199 16.11 -10.27 -18.25
C TYR A 199 15.97 -9.19 -17.21
N ASP A 200 16.95 -9.10 -16.34
CA ASP A 200 16.97 -8.01 -15.34
C ASP A 200 18.39 -7.53 -15.11
N PHE A 201 18.51 -6.49 -14.29
CA PHE A 201 19.81 -5.86 -14.01
C PHE A 201 20.17 -6.05 -12.56
N VAL A 202 21.38 -6.55 -12.32
CA VAL A 202 21.94 -6.58 -10.96
C VAL A 202 23.28 -5.87 -10.94
N VAL A 203 23.61 -5.36 -9.76
CA VAL A 203 24.95 -4.82 -9.51
C VAL A 203 25.50 -5.61 -8.34
N LEU A 204 26.67 -6.20 -8.52
CA LEU A 204 27.34 -6.90 -7.41
C LEU A 204 28.49 -6.03 -6.93
N GLU A 205 28.83 -6.17 -5.66
CA GLU A 205 29.92 -5.39 -5.06
C GLU A 205 30.88 -6.38 -4.42
N LYS A 206 32.16 -6.19 -4.70
CA LYS A 206 33.22 -6.99 -4.04
C LYS A 206 33.18 -6.73 -2.54
N ARG A 207 33.07 -7.79 -1.78
CA ARG A 207 32.91 -7.82 -0.32
C ARG A 207 34.01 -8.75 0.21
N ARG A 208 34.05 -9.06 1.51
CA ARG A 208 35.04 -10.01 2.09
C ARG A 208 34.53 -10.51 3.45
N SER A 241 15.95 26.06 10.30
CA SER A 241 15.48 25.22 11.45
C SER A 241 14.03 24.76 11.21
N SER A 242 13.65 24.52 9.95
CA SER A 242 12.33 23.97 9.56
C SER A 242 12.20 22.52 10.05
N ALA A 243 13.25 21.71 9.83
CA ALA A 243 13.33 20.29 10.25
C ALA A 243 13.68 20.20 11.75
N ALA A 244 14.40 21.20 12.27
CA ALA A 244 14.84 21.31 13.68
C ALA A 244 13.65 21.58 14.60
N ALA A 245 12.62 22.28 14.10
CA ALA A 245 11.37 22.60 14.83
C ALA A 245 10.46 21.36 14.87
N ILE A 246 10.35 20.64 13.75
CA ILE A 246 9.57 19.36 13.63
C ILE A 246 10.21 18.30 14.54
N ALA A 247 11.55 18.29 14.61
CA ALA A 247 12.40 17.20 15.18
C ALA A 247 11.91 16.75 16.55
N PRO A 248 11.85 17.63 17.58
CA PRO A 248 11.49 17.19 18.93
C PRO A 248 10.14 16.47 19.05
N VAL A 249 9.14 16.85 18.22
CA VAL A 249 7.77 16.26 18.26
C VAL A 249 7.82 14.87 17.63
N LEU A 250 8.57 14.71 16.53
CA LEU A 250 8.77 13.39 15.85
C LEU A 250 9.43 12.42 16.83
N ALA A 251 10.41 12.90 17.62
CA ALA A 251 11.25 12.10 18.53
C ALA A 251 10.40 11.31 19.53
N TRP A 252 9.41 11.95 20.16
CA TRP A 252 8.54 11.29 21.18
C TRP A 252 7.52 10.39 20.47
N MET A 253 7.09 10.77 19.25
CA MET A 253 6.14 9.98 18.42
C MET A 253 6.86 8.74 17.85
N ASP A 254 8.17 8.83 17.60
CA ASP A 254 9.03 7.77 17.00
C ASP A 254 9.83 7.11 18.13
N LEU A 266 14.66 -9.03 14.59
CA LEU A 266 13.98 -8.45 13.39
C LEU A 266 14.50 -9.10 12.11
N ILE A 267 13.60 -9.65 11.27
CA ILE A 267 13.92 -10.44 10.06
C ILE A 267 13.73 -9.53 8.86
N ARG A 268 14.72 -9.56 7.99
CA ARG A 268 14.78 -8.81 6.71
C ARG A 268 15.29 -9.71 5.59
N ALA A 269 14.66 -9.62 4.42
CA ALA A 269 15.01 -10.56 3.32
C ALA A 269 16.20 -10.00 2.56
N VAL A 270 17.27 -10.82 2.45
CA VAL A 270 18.53 -10.41 1.76
C VAL A 270 18.83 -8.94 1.95
N PRO A 271 19.13 -8.54 3.21
CA PRO A 271 19.27 -7.13 3.59
C PRO A 271 20.36 -6.33 2.89
N HIS A 272 21.36 -7.03 2.37
CA HIS A 272 22.47 -6.43 1.61
C HIS A 272 21.96 -5.80 0.32
N VAL A 273 20.83 -6.28 -0.18
CA VAL A 273 20.23 -5.72 -1.41
C VAL A 273 19.55 -4.40 -1.10
N HIS A 274 20.13 -3.30 -1.55
CA HIS A 274 19.65 -1.95 -1.21
C HIS A 274 18.58 -1.45 -2.17
N PHE A 275 18.80 -1.62 -3.46
CA PHE A 275 17.73 -1.30 -4.42
C PHE A 275 16.93 -2.58 -4.67
N ARG A 276 15.67 -2.54 -4.25
CA ARG A 276 14.83 -3.74 -4.24
C ARG A 276 13.74 -3.60 -5.28
N GLY A 277 14.12 -3.51 -6.55
CA GLY A 277 13.17 -3.29 -7.63
C GLY A 277 12.38 -4.53 -7.99
N HIS A 278 12.98 -5.69 -7.86
CA HIS A 278 12.30 -6.96 -8.22
C HIS A 278 10.99 -7.07 -7.45
N GLU A 279 9.91 -7.30 -8.18
CA GLU A 279 8.55 -7.30 -7.59
C GLU A 279 8.37 -8.43 -6.60
N GLU A 280 9.22 -9.44 -6.67
CA GLU A 280 9.20 -10.55 -5.70
C GLU A 280 9.56 -10.07 -4.29
N PHE A 281 10.14 -8.88 -4.19
CA PHE A 281 10.43 -8.33 -2.85
C PHE A 281 9.14 -8.05 -2.07
N GLN A 282 8.04 -7.86 -2.78
CA GLN A 282 6.74 -7.66 -2.10
C GLN A 282 6.39 -8.90 -1.30
N TYR A 283 6.58 -10.05 -1.92
CA TYR A 283 6.27 -11.34 -1.28
C TYR A 283 7.25 -11.58 -0.13
N LEU A 284 8.52 -11.34 -0.40
CA LEU A 284 9.57 -11.60 0.58
C LEU A 284 9.40 -10.66 1.78
N ASP A 285 9.08 -9.40 1.54
CA ASP A 285 8.91 -8.43 2.63
C ASP A 285 7.64 -8.75 3.42
N LEU A 286 6.62 -9.28 2.75
CA LEU A 286 5.36 -9.63 3.42
C LEU A 286 5.62 -10.78 4.39
N ILE A 287 6.46 -11.72 4.01
CA ILE A 287 6.84 -12.84 4.91
C ILE A 287 7.49 -12.27 6.16
N ALA A 288 8.48 -11.42 5.97
CA ALA A 288 9.24 -10.78 7.07
C ALA A 288 8.31 -9.97 7.97
N ASP A 289 7.43 -9.18 7.36
CA ASP A 289 6.49 -8.29 8.06
C ASP A 289 5.57 -9.08 8.99
N ILE A 290 5.02 -10.18 8.48
CA ILE A 290 4.15 -11.07 9.30
C ILE A 290 4.92 -11.66 10.46
N ILE A 291 6.12 -12.13 10.20
CA ILE A 291 6.94 -12.79 11.25
C ILE A 291 7.36 -11.76 12.30
N ASN A 292 7.73 -10.57 11.87
CA ASN A 292 8.13 -9.50 12.81
C ASN A 292 6.93 -8.92 13.57
N ASN A 293 5.84 -8.66 12.86
CA ASN A 293 4.77 -7.77 13.39
C ASN A 293 3.46 -8.50 13.60
N GLY A 294 3.33 -9.71 13.07
CA GLY A 294 2.09 -10.46 13.17
C GLY A 294 1.81 -10.97 14.56
N ARG A 295 0.61 -11.45 14.75
CA ARG A 295 0.17 -11.94 16.07
C ARG A 295 -0.04 -13.43 16.03
N THR A 296 0.44 -14.10 17.05
CA THR A 296 0.29 -15.55 17.16
C THR A 296 -1.14 -15.88 17.54
N MET A 297 -1.78 -16.72 16.74
CA MET A 297 -3.18 -17.14 16.97
C MET A 297 -3.31 -18.66 16.82
N ASP A 298 -4.38 -19.19 17.39
CA ASP A 298 -4.89 -20.53 17.03
C ASP A 298 -5.80 -20.40 15.83
N ASP A 299 -6.23 -21.56 15.34
CA ASP A 299 -7.05 -21.58 14.14
C ASP A 299 -7.72 -22.92 14.01
N ARG A 300 -8.46 -23.05 12.93
CA ARG A 300 -9.22 -24.29 12.55
C ARG A 300 -8.33 -25.53 12.64
N THR A 301 -7.09 -25.39 12.22
CA THR A 301 -6.22 -26.55 11.94
C THR A 301 -5.67 -27.17 13.22
N GLY A 302 -5.52 -26.35 14.26
CA GLY A 302 -4.85 -26.82 15.48
C GLY A 302 -3.38 -26.51 15.48
N VAL A 303 -2.85 -26.20 14.30
CA VAL A 303 -1.45 -25.79 14.06
C VAL A 303 -1.44 -24.33 14.48
N GLY A 304 -0.29 -23.86 14.87
CA GLY A 304 -0.09 -22.42 15.13
C GLY A 304 -0.24 -21.56 13.88
N VAL A 305 -0.60 -20.30 14.06
CA VAL A 305 -0.55 -19.28 12.98
C VAL A 305 0.02 -17.97 13.50
N ILE A 306 0.79 -17.28 12.68
CA ILE A 306 1.11 -15.84 12.92
C ILE A 306 0.39 -15.06 11.85
N SER A 307 -0.46 -14.12 12.24
CA SER A 307 -1.34 -13.45 11.24
C SER A 307 -1.26 -11.92 11.24
N LYS A 308 -1.58 -11.37 10.07
CA LYS A 308 -1.88 -9.94 9.90
C LYS A 308 -3.16 -9.82 9.10
N PHE A 309 -3.72 -8.62 9.06
CA PHE A 309 -5.01 -8.39 8.39
C PHE A 309 -4.94 -7.20 7.44
N GLY A 310 -5.26 -7.47 6.18
CA GLY A 310 -5.30 -6.42 5.16
C GLY A 310 -3.93 -6.21 4.56
N CYS A 311 -3.65 -6.98 3.52
CA CYS A 311 -2.34 -6.89 2.83
C CYS A 311 -2.56 -6.80 1.34
N THR A 312 -1.54 -6.28 0.66
CA THR A 312 -1.62 -5.90 -0.75
C THR A 312 -0.31 -6.22 -1.47
N MET A 313 -0.41 -6.76 -2.68
CA MET A 313 0.73 -6.85 -3.61
C MET A 313 0.21 -6.54 -5.00
N ARG A 314 1.08 -6.13 -5.90
CA ARG A 314 0.69 -6.05 -7.32
C ARG A 314 1.84 -6.36 -8.27
N TYR A 315 1.53 -7.10 -9.33
CA TYR A 315 2.54 -7.66 -10.24
C TYR A 315 2.27 -7.25 -11.68
N SER A 316 3.30 -6.74 -12.34
CA SER A 316 3.21 -6.38 -13.77
C SER A 316 3.10 -7.64 -14.61
N LEU A 317 2.29 -7.57 -15.65
CA LEU A 317 2.11 -8.73 -16.55
C LEU A 317 2.52 -8.37 -17.96
N ASP A 318 2.91 -7.13 -18.20
CA ASP A 318 3.22 -6.65 -19.55
C ASP A 318 4.57 -7.17 -20.07
N GLN A 319 5.57 -7.31 -19.20
CA GLN A 319 6.93 -7.70 -19.60
C GLN A 319 7.21 -9.18 -19.32
N ALA A 320 6.85 -9.62 -18.12
CA ALA A 320 7.14 -10.99 -17.65
C ALA A 320 6.00 -11.51 -16.79
N PHE A 321 6.20 -12.69 -16.21
CA PHE A 321 5.12 -13.40 -15.50
C PHE A 321 5.58 -13.69 -14.08
N PRO A 322 4.79 -13.32 -13.05
CA PRO A 322 5.21 -13.47 -11.66
C PRO A 322 5.09 -14.90 -11.13
N LEU A 323 5.92 -15.77 -11.69
CA LEU A 323 6.13 -17.11 -11.13
C LEU A 323 7.31 -17.00 -10.18
N LEU A 324 7.05 -17.01 -8.87
CA LEU A 324 8.11 -16.73 -7.88
C LEU A 324 9.33 -17.65 -8.03
N THR A 325 10.51 -17.11 -7.74
CA THR A 325 11.77 -17.74 -8.13
C THR A 325 12.52 -18.21 -6.92
N THR A 326 12.05 -17.81 -5.75
CA THR A 326 12.85 -18.02 -4.54
C THR A 326 12.56 -19.40 -4.00
N LYS A 327 11.50 -20.01 -4.52
CA LYS A 327 11.33 -21.47 -4.54
C LYS A 327 10.51 -21.88 -5.74
N ARG A 328 10.73 -23.10 -6.21
CA ARG A 328 10.01 -23.59 -7.42
C ARG A 328 8.52 -23.67 -7.14
N VAL A 329 7.73 -23.05 -8.00
CA VAL A 329 6.26 -23.09 -7.92
C VAL A 329 5.73 -24.20 -8.81
N PHE A 330 4.68 -24.88 -8.36
CA PHE A 330 4.12 -26.06 -9.06
C PHE A 330 3.26 -25.63 -10.25
N TRP A 331 3.90 -25.32 -11.37
CA TRP A 331 3.21 -24.76 -12.57
C TRP A 331 2.16 -25.68 -13.16
N LYS A 332 2.49 -26.97 -13.25
CA LYS A 332 1.55 -27.97 -13.78
C LYS A 332 0.29 -27.87 -12.94
N GLY A 333 0.51 -27.72 -11.64
CA GLY A 333 -0.59 -27.56 -10.68
C GLY A 333 -1.43 -26.34 -10.93
N VAL A 334 -0.82 -25.19 -11.19
CA VAL A 334 -1.61 -23.95 -11.38
C VAL A 334 -2.42 -24.08 -12.65
N LEU A 335 -1.77 -24.58 -13.70
CA LEU A 335 -2.38 -24.62 -15.03
C LEU A 335 -3.55 -25.59 -15.00
N GLU A 336 -3.33 -26.75 -14.40
CA GLU A 336 -4.36 -27.81 -14.42
C GLU A 336 -5.55 -27.41 -13.57
N GLU A 337 -5.31 -26.77 -12.43
CA GLU A 337 -6.40 -26.31 -11.54
C GLU A 337 -7.24 -25.23 -12.20
N LEU A 338 -6.60 -24.29 -12.88
CA LEU A 338 -7.31 -23.16 -13.52
C LEU A 338 -8.20 -23.66 -14.66
N LEU A 339 -7.70 -24.59 -15.45
CA LEU A 339 -8.49 -25.18 -16.54
C LEU A 339 -9.70 -25.92 -15.96
N TRP A 340 -9.47 -26.61 -14.86
CA TRP A 340 -10.50 -27.35 -14.11
C TRP A 340 -11.59 -26.41 -13.60
N PHE A 341 -11.17 -25.29 -12.99
CA PHE A 341 -12.10 -24.21 -12.57
C PHE A 341 -12.93 -23.73 -13.74
N ILE A 342 -12.27 -23.46 -14.84
CA ILE A 342 -12.94 -22.86 -16.02
C ILE A 342 -14.01 -23.82 -16.53
N ARG A 343 -13.76 -25.11 -16.42
CA ARG A 343 -14.71 -26.15 -16.85
C ARG A 343 -15.95 -26.22 -15.98
N GLY A 344 -15.88 -25.64 -14.79
CA GLY A 344 -16.95 -25.80 -13.80
C GLY A 344 -16.87 -27.17 -13.16
N ASP A 345 -15.71 -27.79 -13.23
CA ASP A 345 -15.50 -29.18 -12.74
C ASP A 345 -15.35 -29.19 -11.23
N THR A 346 -16.00 -30.15 -10.58
CA THR A 346 -15.96 -30.27 -9.12
C THR A 346 -15.48 -31.65 -8.69
N ASN A 347 -14.84 -32.34 -9.61
CA ASN A 347 -14.34 -33.70 -9.35
C ASN A 347 -12.83 -33.64 -9.25
N ALA A 348 -12.31 -33.68 -8.03
CA ALA A 348 -10.86 -33.53 -7.79
C ALA A 348 -10.07 -34.74 -8.25
N ASN A 349 -10.76 -35.83 -8.57
CA ASN A 349 -10.08 -37.03 -9.12
C ASN A 349 -9.52 -36.73 -10.49
N HIS A 350 -10.16 -35.79 -11.20
CA HIS A 350 -9.68 -35.38 -12.53
C HIS A 350 -8.33 -34.70 -12.39
N LEU A 351 -8.11 -34.04 -11.26
CA LEU A 351 -6.81 -33.41 -10.98
C LEU A 351 -5.82 -34.47 -10.49
N SER A 352 -6.26 -35.24 -9.50
CA SER A 352 -5.44 -36.29 -8.88
C SER A 352 -4.85 -37.20 -9.95
N GLU A 353 -5.66 -37.53 -10.96
CA GLU A 353 -5.28 -38.49 -12.00
C GLU A 353 -4.18 -37.95 -12.92
N LYS A 354 -3.98 -36.63 -12.91
CA LYS A 354 -2.93 -36.00 -13.73
C LYS A 354 -1.71 -35.69 -12.89
N GLY A 355 -1.67 -36.16 -11.64
CA GLY A 355 -0.54 -35.86 -10.76
C GLY A 355 -0.66 -34.54 -10.03
N VAL A 356 -1.88 -33.99 -9.97
CA VAL A 356 -2.14 -32.76 -9.20
C VAL A 356 -3.01 -33.12 -7.99
N LYS A 357 -2.37 -33.23 -6.83
CA LYS A 357 -3.06 -33.83 -5.67
C LYS A 357 -3.46 -32.79 -4.64
N ILE A 358 -3.38 -31.51 -5.02
CA ILE A 358 -3.67 -30.36 -4.13
C ILE A 358 -5.02 -30.47 -3.41
N TRP A 359 -5.99 -31.16 -4.01
CA TRP A 359 -7.34 -31.23 -3.43
C TRP A 359 -7.63 -32.52 -2.68
N ASP A 360 -6.70 -33.46 -2.69
CA ASP A 360 -6.97 -34.83 -2.24
C ASP A 360 -7.34 -34.90 -0.76
N LYS A 361 -6.60 -34.18 0.08
CA LYS A 361 -6.74 -34.23 1.54
C LYS A 361 -8.05 -33.63 2.01
N ASN A 362 -8.65 -32.80 1.17
CA ASN A 362 -9.90 -32.10 1.53
C ASN A 362 -11.09 -32.77 0.88
N VAL A 363 -10.86 -33.90 0.20
CA VAL A 363 -11.98 -34.64 -0.41
C VAL A 363 -11.99 -36.11 -0.02
N THR A 364 -11.31 -36.46 1.06
CA THR A 364 -11.30 -37.83 1.58
C THR A 364 -12.64 -38.14 2.23
N ARG A 365 -12.92 -39.42 2.41
CA ARG A 365 -14.12 -39.88 3.14
C ARG A 365 -14.14 -39.19 4.49
N GLU A 366 -12.98 -39.20 5.12
CA GLU A 366 -12.78 -38.65 6.46
C GLU A 366 -13.10 -37.17 6.53
N PHE A 367 -12.52 -36.39 5.64
CA PHE A 367 -12.68 -34.92 5.69
C PHE A 367 -14.10 -34.54 5.33
N LEU A 368 -14.66 -35.22 4.34
CA LEU A 368 -16.06 -34.96 3.93
C LEU A 368 -17.02 -35.21 5.10
N ASP A 369 -16.76 -36.23 5.89
CA ASP A 369 -17.62 -36.54 7.05
C ASP A 369 -17.45 -35.50 8.15
N SER A 370 -16.23 -35.02 8.36
CA SER A 370 -15.97 -34.00 9.39
C SER A 370 -16.75 -32.73 9.03
N ARG A 371 -17.22 -32.70 7.80
CA ARG A 371 -17.94 -31.55 7.26
C ARG A 371 -19.42 -31.85 7.17
N ASN A 372 -19.83 -32.97 7.73
CA ASN A 372 -21.22 -33.46 7.60
C ASN A 372 -21.63 -33.54 6.15
N LEU A 373 -20.79 -34.13 5.33
CA LEU A 373 -21.20 -34.46 3.96
C LEU A 373 -21.00 -35.95 3.70
N PRO A 374 -21.74 -36.83 4.41
CA PRO A 374 -21.62 -38.27 4.19
C PRO A 374 -22.04 -38.72 2.79
N HIS A 375 -22.94 -37.96 2.19
CA HIS A 375 -23.56 -38.34 0.89
C HIS A 375 -22.67 -38.01 -0.29
N ARG A 376 -21.55 -37.31 -0.06
CA ARG A 376 -20.59 -36.98 -1.12
C ARG A 376 -19.67 -38.15 -1.40
N GLU A 377 -19.49 -38.41 -2.68
CA GLU A 377 -18.48 -39.36 -3.19
C GLU A 377 -17.10 -38.76 -2.97
N VAL A 378 -16.10 -39.61 -2.76
CA VAL A 378 -14.71 -39.14 -2.57
C VAL A 378 -14.24 -38.37 -3.81
N GLY A 379 -13.73 -37.16 -3.61
CA GLY A 379 -13.33 -36.30 -4.72
C GLY A 379 -14.24 -35.14 -5.01
N ASP A 380 -15.47 -35.19 -4.51
CA ASP A 380 -16.50 -34.17 -4.82
C ASP A 380 -16.31 -32.98 -3.89
N ILE A 381 -15.81 -31.86 -4.43
CA ILE A 381 -15.62 -30.64 -3.62
C ILE A 381 -16.94 -29.89 -3.42
N GLY A 382 -18.01 -30.41 -4.00
CA GLY A 382 -19.32 -29.79 -3.89
C GLY A 382 -19.42 -28.62 -4.83
N PRO A 383 -20.34 -27.68 -4.59
CA PRO A 383 -20.43 -26.50 -5.45
C PRO A 383 -19.38 -25.43 -5.17
N GLY A 384 -18.10 -25.84 -5.20
CA GLY A 384 -16.96 -24.93 -5.07
C GLY A 384 -16.66 -24.12 -6.33
N TYR A 385 -15.42 -23.61 -6.42
CA TYR A 385 -14.99 -22.42 -7.20
C TYR A 385 -15.60 -22.43 -8.60
N GLY A 386 -15.15 -23.35 -9.43
CA GLY A 386 -15.56 -23.32 -10.85
C GLY A 386 -17.05 -23.49 -11.03
N PHE A 387 -17.68 -24.22 -10.12
CA PHE A 387 -19.15 -24.40 -10.19
C PHE A 387 -19.84 -23.06 -10.01
N GLN A 388 -19.40 -22.26 -9.04
CA GLN A 388 -19.98 -20.93 -8.82
C GLN A 388 -19.62 -19.96 -9.95
N TRP A 389 -18.43 -20.11 -10.52
CA TRP A 389 -18.03 -19.27 -11.69
C TRP A 389 -18.95 -19.46 -12.86
N ARG A 390 -19.19 -20.72 -13.20
CA ARG A 390 -19.92 -21.06 -14.43
C ARG A 390 -21.40 -21.24 -14.16
N HIS A 391 -21.76 -21.53 -12.91
CA HIS A 391 -23.16 -21.87 -12.63
C HIS A 391 -23.63 -21.30 -11.31
N PHE A 392 -23.33 -20.03 -11.03
CA PHE A 392 -23.63 -19.44 -9.72
C PHE A 392 -25.08 -19.70 -9.32
N GLY A 393 -25.27 -20.29 -8.15
CA GLY A 393 -26.61 -20.44 -7.60
C GLY A 393 -27.38 -21.65 -8.05
N ALA A 394 -26.86 -22.41 -9.01
CA ALA A 394 -27.54 -23.63 -9.46
C ALA A 394 -27.61 -24.64 -8.33
N ALA A 395 -28.61 -25.51 -8.37
CA ALA A 395 -28.81 -26.54 -7.33
C ALA A 395 -27.83 -27.68 -7.57
N TYR A 396 -26.90 -27.88 -6.65
CA TYR A 396 -25.89 -28.94 -6.80
C TYR A 396 -26.51 -30.31 -6.55
N LYS A 397 -26.07 -31.30 -7.32
CA LYS A 397 -26.39 -32.71 -7.01
C LYS A 397 -25.09 -33.43 -6.70
N ASP A 398 -24.32 -33.69 -7.75
CA ASP A 398 -23.01 -34.34 -7.59
C ASP A 398 -22.09 -33.92 -8.73
N MET A 399 -20.87 -34.42 -8.69
CA MET A 399 -19.82 -34.00 -9.66
C MET A 399 -20.02 -34.62 -11.04
N HIS A 400 -20.97 -35.54 -11.16
CA HIS A 400 -21.19 -36.29 -12.42
C HIS A 400 -22.29 -35.67 -13.27
N THR A 401 -22.96 -34.65 -12.73
CA THR A 401 -24.17 -34.08 -13.35
C THR A 401 -23.81 -33.01 -14.38
N ASP A 402 -24.63 -32.91 -15.42
CA ASP A 402 -24.53 -31.82 -16.42
C ASP A 402 -25.33 -30.63 -15.92
N TYR A 403 -24.64 -29.52 -15.72
CA TYR A 403 -25.29 -28.30 -15.17
C TYR A 403 -25.42 -27.26 -16.27
N THR A 404 -25.13 -27.66 -17.51
CA THR A 404 -25.13 -26.73 -18.64
C THR A 404 -26.43 -25.91 -18.66
N GLY A 405 -26.28 -24.60 -18.58
CA GLY A 405 -27.43 -23.69 -18.64
C GLY A 405 -28.08 -23.38 -17.31
N GLN A 406 -27.63 -24.00 -16.22
CA GLN A 406 -28.18 -23.69 -14.88
C GLN A 406 -27.34 -22.60 -14.20
N GLY A 407 -28.03 -21.68 -13.54
CA GLY A 407 -27.35 -20.63 -12.77
C GLY A 407 -26.70 -19.59 -13.65
N VAL A 408 -25.90 -18.74 -13.03
CA VAL A 408 -25.28 -17.60 -13.73
C VAL A 408 -23.88 -17.97 -14.21
N ASP A 409 -23.62 -17.84 -15.49
CA ASP A 409 -22.24 -18.00 -16.01
C ASP A 409 -21.53 -16.67 -15.89
N GLN A 410 -20.88 -16.46 -14.76
CA GLN A 410 -20.21 -15.18 -14.47
C GLN A 410 -19.04 -14.96 -15.41
N LEU A 411 -18.35 -16.03 -15.75
CA LEU A 411 -17.13 -15.90 -16.57
C LEU A 411 -17.52 -15.44 -17.97
N LYS A 412 -18.58 -16.01 -18.51
CA LYS A 412 -19.09 -15.58 -19.82
C LYS A 412 -19.49 -14.12 -19.77
N ASN A 413 -20.22 -13.72 -18.74
CA ASN A 413 -20.68 -12.31 -18.56
C ASN A 413 -19.51 -11.33 -18.52
N VAL A 414 -18.48 -11.67 -17.77
CA VAL A 414 -17.27 -10.81 -17.65
C VAL A 414 -16.64 -10.63 -19.02
N ILE A 415 -16.46 -11.74 -19.72
CA ILE A 415 -15.82 -11.72 -21.05
C ILE A 415 -16.65 -10.89 -22.04
N GLN A 416 -17.94 -11.15 -22.09
CA GLN A 416 -18.85 -10.39 -23.00
C GLN A 416 -18.83 -8.90 -22.67
N MET A 417 -18.76 -8.55 -21.41
CA MET A 417 -18.71 -7.12 -21.03
C MET A 417 -17.36 -6.51 -21.41
N LEU A 418 -16.30 -7.28 -21.26
CA LEU A 418 -14.96 -6.80 -21.69
C LEU A 418 -14.93 -6.53 -23.19
N ARG A 419 -15.60 -7.38 -23.96
CA ARG A 419 -15.55 -7.29 -25.43
C ARG A 419 -16.44 -6.17 -25.96
N THR A 420 -17.47 -5.79 -25.21
CA THR A 420 -18.53 -4.87 -25.71
C THR A 420 -18.61 -3.54 -24.98
N ASN A 421 -18.29 -3.51 -23.69
CA ASN A 421 -18.46 -2.30 -22.88
C ASN A 421 -17.41 -2.29 -21.78
N PRO A 422 -16.12 -2.16 -22.13
CA PRO A 422 -15.03 -2.35 -21.17
C PRO A 422 -14.83 -1.25 -20.13
N THR A 423 -15.68 -0.24 -20.16
CA THR A 423 -15.68 0.83 -19.15
C THR A 423 -16.69 0.52 -18.05
N ASP A 424 -17.46 -0.55 -18.22
CA ASP A 424 -18.41 -1.01 -17.21
C ASP A 424 -17.65 -1.28 -15.91
N ARG A 425 -18.28 -1.01 -14.78
CA ARG A 425 -17.57 -1.15 -13.48
C ARG A 425 -18.10 -2.32 -12.66
N ARG A 426 -18.77 -3.26 -13.32
CA ARG A 426 -19.38 -4.41 -12.62
C ARG A 426 -18.81 -5.73 -13.12
N MET A 427 -17.61 -5.70 -13.68
CA MET A 427 -16.97 -6.91 -14.23
C MET A 427 -16.31 -7.70 -13.11
N LEU A 428 -17.17 -8.38 -12.34
CA LEU A 428 -16.75 -9.19 -11.19
C LEU A 428 -17.18 -10.62 -11.37
N MET A 429 -16.43 -11.49 -10.70
CA MET A 429 -16.73 -12.91 -10.59
C MET A 429 -16.54 -13.28 -9.13
N THR A 430 -17.49 -13.97 -8.55
CA THR A 430 -17.41 -14.36 -7.13
C THR A 430 -17.64 -15.85 -6.97
N ALA A 431 -17.01 -16.43 -5.95
CA ALA A 431 -17.19 -17.85 -5.61
C ALA A 431 -17.92 -17.94 -4.29
N TRP A 432 -18.13 -16.79 -3.66
CA TRP A 432 -18.69 -16.74 -2.31
C TRP A 432 -20.20 -16.76 -2.37
N ASN A 433 -20.79 -17.92 -2.17
CA ASN A 433 -22.26 -18.08 -2.20
C ASN A 433 -22.66 -18.60 -0.83
N PRO A 434 -23.03 -17.71 0.12
CA PRO A 434 -23.46 -18.10 1.46
C PRO A 434 -24.54 -19.18 1.55
N ALA A 435 -25.34 -19.30 0.50
CA ALA A 435 -26.39 -20.32 0.44
C ALA A 435 -25.79 -21.70 0.24
N ALA A 436 -24.60 -21.76 -0.34
CA ALA A 436 -24.02 -23.04 -0.77
C ALA A 436 -22.80 -23.44 0.06
N LEU A 437 -22.35 -22.59 0.97
CA LEU A 437 -21.11 -22.82 1.74
C LEU A 437 -21.08 -24.18 2.42
N ASP A 438 -22.15 -24.56 3.07
CA ASP A 438 -22.19 -25.81 3.87
C ASP A 438 -22.09 -27.04 2.98
N GLU A 439 -22.33 -26.88 1.69
CA GLU A 439 -22.27 -28.01 0.75
C GLU A 439 -20.87 -28.17 0.20
N MET A 440 -20.02 -27.18 0.41
CA MET A 440 -18.66 -27.20 -0.15
C MET A 440 -17.73 -27.94 0.80
N ALA A 441 -16.76 -28.62 0.22
CA ALA A 441 -15.70 -29.27 1.01
C ALA A 441 -14.96 -28.18 1.78
N LEU A 442 -14.76 -27.05 1.13
CA LEU A 442 -14.03 -25.95 1.76
C LEU A 442 -14.59 -24.66 1.21
N PRO A 443 -14.95 -23.72 2.08
CA PRO A 443 -15.28 -22.38 1.62
C PRO A 443 -14.14 -21.80 0.83
N PRO A 444 -14.41 -21.12 -0.29
CA PRO A 444 -13.34 -20.59 -1.12
C PRO A 444 -12.47 -19.57 -0.39
N CYS A 445 -11.19 -19.58 -0.72
CA CYS A 445 -10.21 -18.63 -0.14
C CYS A 445 -10.12 -17.42 -1.05
N HIS A 446 -9.85 -17.69 -2.32
CA HIS A 446 -9.87 -16.63 -3.34
C HIS A 446 -11.30 -16.52 -3.80
N LEU A 447 -11.95 -15.43 -3.42
CA LEU A 447 -13.42 -15.45 -3.46
C LEU A 447 -14.01 -14.44 -4.44
N LEU A 448 -13.21 -13.53 -4.92
CA LEU A 448 -13.76 -12.49 -5.81
C LEU A 448 -12.65 -11.94 -6.67
N CYS A 449 -12.98 -11.62 -7.92
CA CYS A 449 -12.02 -10.91 -8.78
C CYS A 449 -12.73 -9.89 -9.65
N GLN A 450 -12.03 -8.80 -9.93
CA GLN A 450 -12.60 -7.69 -10.71
C GLN A 450 -11.66 -7.32 -11.84
N PHE A 451 -12.25 -7.01 -12.98
CA PHE A 451 -11.48 -6.65 -14.18
C PHE A 451 -11.63 -5.18 -14.48
N TYR A 452 -10.65 -4.65 -15.18
CA TYR A 452 -10.56 -3.22 -15.50
C TYR A 452 -9.76 -3.04 -16.78
N VAL A 453 -10.28 -2.19 -17.66
CA VAL A 453 -9.60 -1.87 -18.93
C VAL A 453 -9.34 -0.39 -18.93
N ASN A 454 -8.15 -0.01 -19.33
CA ASN A 454 -7.86 1.43 -19.41
C ASN A 454 -8.07 1.94 -20.85
N ASP A 455 -7.48 3.09 -21.10
CA ASP A 455 -7.66 3.76 -22.40
C ASP A 455 -6.90 3.03 -23.52
N GLN A 456 -5.90 2.20 -23.18
CA GLN A 456 -4.93 1.60 -24.12
C GLN A 456 -5.26 0.15 -24.36
N LYS A 457 -6.46 -0.27 -24.02
CA LYS A 457 -6.86 -1.68 -24.10
C LYS A 457 -5.92 -2.56 -23.28
N GLU A 458 -5.53 -2.06 -22.11
CA GLU A 458 -4.73 -2.84 -21.14
C GLU A 458 -5.64 -3.40 -20.04
N LEU A 459 -5.51 -4.69 -19.78
CA LEU A 459 -6.37 -5.36 -18.78
C LEU A 459 -5.65 -5.52 -17.45
N SER A 460 -6.30 -5.09 -16.37
CA SER A 460 -5.81 -5.37 -15.01
C SER A 460 -6.85 -6.20 -14.26
N CYS A 461 -6.38 -6.92 -13.26
CA CYS A 461 -7.25 -7.80 -12.46
C CYS A 461 -6.91 -7.68 -10.99
N ILE A 462 -7.94 -7.56 -10.17
CA ILE A 462 -7.83 -7.60 -8.70
C ILE A 462 -8.44 -8.91 -8.27
N MET A 463 -7.80 -9.59 -7.35
CA MET A 463 -8.44 -10.75 -6.66
C MET A 463 -8.43 -10.52 -5.17
N TYR A 464 -9.56 -10.79 -4.51
CA TYR A 464 -9.66 -10.70 -3.05
C TYR A 464 -9.61 -12.10 -2.46
N GLN A 465 -8.72 -12.27 -1.50
CA GLN A 465 -8.52 -13.58 -0.85
C GLN A 465 -8.74 -13.42 0.64
N ARG A 466 -9.77 -14.06 1.18
CA ARG A 466 -10.13 -13.94 2.60
C ARG A 466 -9.04 -14.51 3.49
N SER A 467 -8.37 -15.55 3.01
CA SER A 467 -7.47 -16.35 3.86
C SER A 467 -6.25 -16.77 3.05
N CYS A 468 -5.08 -16.39 3.52
CA CYS A 468 -3.85 -16.49 2.70
C CYS A 468 -2.76 -17.22 3.47
N ASP A 469 -2.52 -18.45 3.05
CA ASP A 469 -1.35 -19.22 3.51
C ASP A 469 -0.15 -18.67 2.77
N VAL A 470 0.53 -17.73 3.38
CA VAL A 470 1.65 -16.98 2.76
C VAL A 470 2.73 -17.94 2.27
N GLY A 471 3.04 -18.95 3.06
CA GLY A 471 4.06 -19.93 2.71
C GLY A 471 3.71 -20.77 1.50
N LEU A 472 2.59 -21.46 1.58
CA LEU A 472 2.22 -22.51 0.60
C LEU A 472 1.37 -21.97 -0.53
N GLY A 473 0.25 -21.34 -0.17
CA GLY A 473 -0.79 -20.97 -1.15
C GLY A 473 -0.49 -19.73 -1.97
N VAL A 474 -0.01 -18.67 -1.32
CA VAL A 474 0.10 -17.34 -1.96
C VAL A 474 0.84 -17.39 -3.29
N PRO A 475 2.04 -17.98 -3.39
CA PRO A 475 2.73 -18.02 -4.66
C PRO A 475 1.89 -18.68 -5.76
N PHE A 476 1.19 -19.73 -5.36
CA PHE A 476 0.32 -20.49 -6.26
C PHE A 476 -0.85 -19.63 -6.70
N ASN A 477 -1.44 -18.89 -5.76
CA ASN A 477 -2.56 -17.97 -6.07
C ASN A 477 -2.13 -16.84 -7.00
N ILE A 478 -0.95 -16.29 -6.78
CA ILE A 478 -0.41 -15.21 -7.66
C ILE A 478 -0.34 -15.70 -9.10
N ALA A 479 0.25 -16.87 -9.29
CA ALA A 479 0.41 -17.48 -10.62
C ALA A 479 -0.93 -17.78 -11.27
N SER A 480 -1.86 -18.30 -10.46
CA SER A 480 -3.20 -18.71 -10.94
C SER A 480 -3.98 -17.54 -11.57
N TYR A 481 -4.10 -16.45 -10.83
CA TYR A 481 -4.91 -15.32 -11.32
C TYR A 481 -4.17 -14.47 -12.34
N SER A 482 -2.85 -14.52 -12.30
CA SER A 482 -2.03 -13.86 -13.33
C SER A 482 -2.24 -14.58 -14.65
N LEU A 483 -2.39 -15.89 -14.57
CA LEU A 483 -2.59 -16.72 -15.76
C LEU A 483 -3.98 -16.48 -16.33
N LEU A 484 -4.97 -16.46 -15.45
CA LEU A 484 -6.35 -16.15 -15.84
C LEU A 484 -6.40 -14.81 -16.57
N THR A 485 -5.62 -13.85 -16.09
CA THR A 485 -5.58 -12.52 -16.69
C THR A 485 -5.03 -12.63 -18.11
N LEU A 486 -3.95 -13.38 -18.28
CA LEU A 486 -3.40 -13.63 -19.64
C LEU A 486 -4.46 -14.23 -20.54
N MET A 487 -5.17 -15.23 -20.04
CA MET A 487 -6.15 -15.97 -20.87
C MET A 487 -7.30 -15.07 -21.26
N VAL A 488 -7.77 -14.29 -20.31
CA VAL A 488 -8.89 -13.36 -20.57
C VAL A 488 -8.44 -12.26 -21.53
N ALA A 489 -7.28 -11.67 -21.29
CA ALA A 489 -6.73 -10.64 -22.20
C ALA A 489 -6.75 -11.14 -23.64
N HIS A 490 -6.23 -12.35 -23.86
CA HIS A 490 -6.12 -12.91 -25.22
C HIS A 490 -7.48 -13.05 -25.89
N VAL A 491 -8.43 -13.62 -25.17
CA VAL A 491 -9.74 -13.94 -25.76
C VAL A 491 -10.56 -12.67 -25.96
N CYS A 492 -10.20 -11.59 -25.28
CA CYS A 492 -10.90 -10.31 -25.43
C CYS A 492 -10.12 -9.31 -26.26
N ASN A 493 -9.03 -9.75 -26.87
CA ASN A 493 -8.16 -8.87 -27.66
C ASN A 493 -7.62 -7.73 -26.82
N LEU A 494 -7.14 -8.06 -25.64
CA LEU A 494 -6.58 -7.05 -24.75
C LEU A 494 -5.11 -7.34 -24.44
N LYS A 495 -4.44 -6.35 -23.88
CA LYS A 495 -3.05 -6.48 -23.43
C LYS A 495 -3.06 -6.64 -21.93
N PRO A 496 -2.48 -7.74 -21.40
CA PRO A 496 -2.41 -7.91 -19.95
C PRO A 496 -1.47 -6.89 -19.32
N LYS A 497 -1.94 -6.20 -18.31
CA LYS A 497 -1.13 -5.15 -17.65
C LYS A 497 -0.74 -5.55 -16.22
N GLU A 498 -1.73 -5.87 -15.41
CA GLU A 498 -1.45 -5.94 -13.95
C GLU A 498 -2.35 -6.93 -13.20
N PHE A 499 -1.72 -7.69 -12.32
CA PHE A 499 -2.48 -8.45 -11.31
C PHE A 499 -2.29 -7.81 -9.95
N ILE A 500 -3.40 -7.59 -9.27
CA ILE A 500 -3.44 -6.90 -7.97
C ILE A 500 -4.04 -7.85 -6.94
N HIS A 501 -3.27 -8.13 -5.90
CA HIS A 501 -3.64 -9.12 -4.87
C HIS A 501 -4.07 -8.40 -3.61
N PHE A 502 -5.35 -8.52 -3.27
CA PHE A 502 -5.88 -8.01 -1.99
C PHE A 502 -6.07 -9.17 -1.04
N MET A 503 -5.54 -9.05 0.17
CA MET A 503 -5.46 -10.19 1.10
C MET A 503 -6.13 -9.85 2.43
N GLY A 504 -6.97 -10.77 2.90
CA GLY A 504 -7.63 -10.58 4.20
C GLY A 504 -6.78 -11.09 5.34
N ASN A 505 -7.17 -12.22 5.91
CA ASN A 505 -6.35 -12.88 6.95
C ASN A 505 -5.10 -13.48 6.31
N THR A 506 -3.98 -12.82 6.53
CA THR A 506 -2.72 -13.16 5.86
C THR A 506 -1.80 -13.80 6.90
N HIS A 507 -1.48 -15.07 6.73
CA HIS A 507 -0.83 -15.81 7.83
C HIS A 507 0.31 -16.70 7.38
N VAL A 508 1.26 -16.93 8.28
CA VAL A 508 2.26 -18.01 8.11
C VAL A 508 2.10 -19.01 9.24
N TYR A 509 1.96 -20.27 8.88
CA TYR A 509 1.89 -21.38 9.84
C TYR A 509 3.19 -21.45 10.64
N THR A 510 3.09 -21.88 11.89
CA THR A 510 4.26 -21.90 12.80
C THR A 510 5.28 -22.91 12.33
N ASN A 511 4.79 -23.98 11.72
CA ASN A 511 5.66 -25.06 11.24
C ASN A 511 6.31 -24.70 9.90
N HIS A 512 6.18 -23.45 9.46
CA HIS A 512 6.82 -23.01 8.20
C HIS A 512 7.92 -21.99 8.48
N VAL A 513 7.92 -21.39 9.66
CA VAL A 513 8.74 -20.18 9.93
C VAL A 513 10.23 -20.42 9.65
N GLU A 514 10.76 -21.59 10.04
CA GLU A 514 12.22 -21.89 9.91
C GLU A 514 12.58 -22.07 8.43
N ALA A 515 11.71 -22.69 7.62
CA ALA A 515 11.88 -22.86 6.16
C ALA A 515 11.76 -21.51 5.45
N LEU A 516 10.86 -20.68 5.94
CA LEU A 516 10.62 -19.36 5.32
C LEU A 516 11.82 -18.46 5.55
N LYS A 517 12.49 -18.65 6.68
CA LYS A 517 13.69 -17.86 7.00
C LYS A 517 14.84 -18.23 6.07
N GLU A 518 14.93 -19.49 5.70
CA GLU A 518 15.93 -19.93 4.71
C GLU A 518 15.59 -19.31 3.38
N GLN A 519 14.31 -19.29 3.05
CA GLN A 519 13.85 -18.73 1.77
C GLN A 519 14.26 -17.27 1.66
N LEU A 520 14.21 -16.56 2.78
CA LEU A 520 14.52 -15.11 2.79
C LEU A 520 15.99 -14.81 2.57
N ARG A 521 16.84 -15.83 2.58
CA ARG A 521 18.29 -15.62 2.37
C ARG A 521 18.62 -15.69 0.89
N ARG A 522 17.63 -16.02 0.08
CA ARG A 522 17.83 -16.19 -1.37
C ARG A 522 17.46 -14.92 -2.11
N GLU A 523 18.32 -14.50 -3.01
CA GLU A 523 17.99 -13.39 -3.94
C GLU A 523 17.12 -13.92 -5.06
N PRO A 524 16.09 -13.14 -5.48
CA PRO A 524 15.25 -13.55 -6.59
C PRO A 524 15.97 -13.55 -7.93
N ARG A 525 15.47 -14.37 -8.83
CA ARG A 525 15.99 -14.49 -10.19
C ARG A 525 14.99 -13.74 -11.06
N PRO A 526 15.37 -13.37 -12.28
CA PRO A 526 14.39 -12.78 -13.20
C PRO A 526 13.17 -13.67 -13.40
N PHE A 527 12.01 -13.04 -13.49
CA PHE A 527 10.74 -13.74 -13.76
C PHE A 527 10.79 -14.32 -15.16
N PRO A 528 10.12 -15.46 -15.40
CA PRO A 528 10.03 -15.99 -16.75
C PRO A 528 8.96 -15.29 -17.58
N ILE A 529 8.85 -15.71 -18.82
CA ILE A 529 7.73 -15.32 -19.70
C ILE A 529 6.83 -16.52 -19.84
N VAL A 530 5.52 -16.28 -19.84
CA VAL A 530 4.54 -17.31 -20.25
C VAL A 530 3.98 -16.90 -21.60
N ASN A 531 4.14 -17.76 -22.58
CA ASN A 531 3.54 -17.55 -23.91
C ASN A 531 2.31 -18.43 -24.07
N ILE A 532 1.28 -17.84 -24.66
CA ILE A 532 0.15 -18.67 -25.15
C ILE A 532 0.54 -19.13 -26.53
N LEU A 533 0.54 -20.43 -26.72
CA LEU A 533 0.78 -21.03 -28.04
C LEU A 533 -0.56 -21.15 -28.75
N ASN A 534 -0.50 -21.24 -30.08
CA ASN A 534 -1.67 -21.55 -30.92
C ASN A 534 -2.75 -20.51 -30.74
N LYS A 535 -2.35 -19.25 -30.72
CA LYS A 535 -3.29 -18.14 -30.48
C LYS A 535 -4.42 -18.16 -31.49
N GLU A 536 -4.08 -18.45 -32.75
CA GLU A 536 -5.05 -18.49 -33.86
C GLU A 536 -6.18 -19.47 -33.60
N ARG A 537 -5.89 -20.59 -32.97
CA ARG A 537 -6.90 -21.64 -32.72
C ARG A 537 -7.84 -21.15 -31.62
N ILE A 538 -7.31 -20.33 -30.74
CA ILE A 538 -7.96 -20.06 -29.42
C ILE A 538 -8.77 -18.77 -29.47
N LYS A 539 -10.09 -18.92 -29.44
CA LYS A 539 -11.00 -17.77 -29.61
C LYS A 539 -11.91 -17.59 -28.41
N GLU A 540 -12.15 -18.65 -27.65
CA GLU A 540 -13.00 -18.58 -26.45
C GLU A 540 -12.25 -19.16 -25.27
N ILE A 541 -12.72 -18.79 -24.08
CA ILE A 541 -12.04 -19.15 -22.81
C ILE A 541 -11.99 -20.67 -22.62
N ASP A 542 -12.97 -21.34 -23.21
CA ASP A 542 -13.10 -22.80 -23.14
C ASP A 542 -12.14 -23.51 -24.09
N ASP A 543 -11.51 -22.76 -24.99
CA ASP A 543 -10.65 -23.37 -26.04
C ASP A 543 -9.27 -23.79 -25.51
N PHE A 544 -8.78 -23.11 -24.49
CA PHE A 544 -7.43 -23.40 -23.93
C PHE A 544 -7.31 -24.86 -23.51
N THR A 545 -6.16 -25.44 -23.83
CA THR A 545 -5.78 -26.76 -23.28
C THR A 545 -4.50 -26.65 -22.46
N ALA A 546 -4.16 -27.75 -21.80
CA ALA A 546 -2.96 -27.86 -20.96
C ALA A 546 -1.68 -27.68 -21.79
N GLU A 547 -1.81 -27.73 -23.11
CA GLU A 547 -0.66 -27.72 -24.02
C GLU A 547 -0.43 -26.39 -24.71
N ASP A 548 -1.33 -25.44 -24.49
CA ASP A 548 -1.23 -24.17 -25.24
C ASP A 548 -0.46 -23.15 -24.43
N PHE A 549 0.37 -23.60 -23.50
CA PHE A 549 1.22 -22.68 -22.71
C PHE A 549 2.67 -23.10 -22.70
N GLU A 550 3.53 -22.09 -22.74
CA GLU A 550 5.00 -22.26 -22.75
C GLU A 550 5.53 -21.36 -21.65
N VAL A 551 6.31 -21.92 -20.72
CA VAL A 551 6.99 -21.10 -19.70
C VAL A 551 8.43 -20.94 -20.12
N VAL A 552 8.86 -19.71 -20.28
CA VAL A 552 10.19 -19.44 -20.87
C VAL A 552 11.10 -18.74 -19.86
N GLY A 553 12.25 -19.34 -19.57
CA GLY A 553 13.28 -18.68 -18.77
C GLY A 553 13.04 -18.74 -17.28
N TYR A 554 12.42 -19.81 -16.81
CA TYR A 554 12.15 -19.97 -15.37
C TYR A 554 13.35 -20.63 -14.72
N VAL A 555 13.95 -19.93 -13.77
CA VAL A 555 15.19 -20.43 -13.12
C VAL A 555 15.07 -20.25 -11.62
N PRO A 556 14.16 -20.96 -10.96
CA PRO A 556 13.95 -20.74 -9.53
C PRO A 556 15.00 -21.46 -8.70
N HIS A 557 15.15 -21.06 -7.45
CA HIS A 557 15.85 -21.85 -6.44
C HIS A 557 15.08 -23.16 -6.21
N GLY A 558 15.69 -24.06 -5.46
CA GLY A 558 15.11 -25.37 -5.20
C GLY A 558 13.77 -25.34 -4.48
N ARG A 559 13.00 -26.40 -4.62
CA ARG A 559 11.80 -26.68 -3.78
C ARG A 559 12.17 -26.60 -2.32
N ILE A 560 11.27 -26.02 -1.52
CA ILE A 560 11.35 -26.18 -0.05
C ILE A 560 10.10 -26.92 0.41
N GLN A 561 10.30 -28.03 1.10
CA GLN A 561 9.20 -28.86 1.62
C GLN A 561 8.44 -28.09 2.68
N MET A 562 7.13 -28.02 2.50
CA MET A 562 6.22 -27.31 3.42
C MET A 562 4.93 -28.10 3.49
N GLU A 563 4.59 -28.57 4.69
CA GLU A 563 3.45 -29.51 4.89
C GLU A 563 2.13 -28.76 4.88
N MET A 564 1.16 -29.22 4.07
CA MET A 564 -0.17 -28.59 4.02
C MET A 564 -0.98 -28.90 5.30
N ALA A 565 -1.45 -27.84 5.95
CA ALA A 565 -2.38 -27.94 7.08
C ALA A 565 -3.78 -28.22 6.56
N VAL A 566 -4.26 -29.43 6.84
CA VAL A 566 -5.59 -29.94 6.39
C VAL A 566 -6.64 -29.48 7.41
N PRO B 4 14.26 34.20 18.62
CA PRO B 4 14.14 32.79 18.18
C PRO B 4 13.12 31.94 18.96
N VAL B 5 12.15 32.64 19.54
CA VAL B 5 11.22 32.05 20.55
C VAL B 5 10.11 31.18 19.95
N CYS B 6 9.68 30.15 20.67
CA CYS B 6 8.57 29.28 20.26
C CYS B 6 7.46 29.32 21.30
N LEU B 7 6.22 29.26 20.86
CA LEU B 7 5.07 29.16 21.78
C LEU B 7 4.61 27.73 21.86
N VAL B 8 4.25 27.30 23.05
CA VAL B 8 3.65 25.96 23.23
C VAL B 8 2.32 26.11 23.99
N VAL B 9 1.27 25.55 23.42
CA VAL B 9 -0.11 25.82 23.92
C VAL B 9 -1.09 24.74 23.51
N ALA B 10 -2.08 24.54 24.36
CA ALA B 10 -3.25 23.72 24.01
C ALA B 10 -4.49 24.60 24.05
N MET B 11 -5.41 24.36 23.13
CA MET B 11 -6.41 25.35 22.80
C MET B 11 -7.66 24.72 22.23
N THR B 12 -8.81 25.19 22.68
CA THR B 12 -10.11 24.74 22.10
C THR B 12 -10.25 25.41 20.73
N PRO B 13 -11.24 25.01 19.92
CA PRO B 13 -11.40 25.59 18.59
C PRO B 13 -11.68 27.09 18.60
N LYS B 14 -12.23 27.55 19.72
CA LYS B 14 -12.52 28.97 19.93
C LYS B 14 -11.38 29.67 20.63
N ARG B 15 -10.21 29.03 20.65
CA ARG B 15 -8.95 29.57 21.22
C ARG B 15 -8.95 29.62 22.74
N GLY B 16 -9.85 28.89 23.37
CA GLY B 16 -9.93 28.85 24.82
C GLY B 16 -8.79 28.08 25.44
N ILE B 17 -8.17 28.64 26.48
CA ILE B 17 -6.99 27.98 27.12
C ILE B 17 -7.18 27.72 28.61
N GLY B 18 -8.04 28.48 29.27
CA GLY B 18 -8.13 28.43 30.74
C GLY B 18 -9.47 28.81 31.33
N ILE B 19 -9.73 28.30 32.53
CA ILE B 19 -10.87 28.73 33.38
C ILE B 19 -10.49 28.62 34.86
N ASN B 20 -10.79 29.66 35.62
CA ASN B 20 -10.60 29.64 37.09
C ASN B 20 -9.15 29.32 37.42
N ASN B 21 -8.25 29.90 36.67
CA ASN B 21 -6.81 29.70 36.87
C ASN B 21 -6.44 28.22 36.78
N GLY B 22 -7.20 27.47 35.99
CA GLY B 22 -6.84 26.08 35.68
C GLY B 22 -7.09 25.80 34.24
N LEU B 23 -6.97 24.54 33.86
CA LEU B 23 -7.25 24.08 32.49
C LEU B 23 -8.73 23.83 32.34
N PRO B 24 -9.27 24.01 31.12
CA PRO B 24 -10.69 23.81 30.92
C PRO B 24 -11.16 22.35 30.89
N TRP B 25 -10.26 21.45 30.53
CA TRP B 25 -10.56 20.04 30.18
C TRP B 25 -10.03 19.11 31.25
N PRO B 26 -10.50 17.84 31.31
CA PRO B 26 -9.83 16.84 32.12
C PRO B 26 -8.43 16.55 31.59
N HIS B 27 -7.63 15.80 32.36
CA HIS B 27 -6.19 15.60 32.07
C HIS B 27 -6.03 14.87 30.73
N LEU B 28 -5.24 15.45 29.82
CA LEU B 28 -4.83 14.86 28.52
C LEU B 28 -3.40 14.37 28.62
N THR B 29 -3.25 13.09 28.92
CA THR B 29 -1.93 12.44 29.18
C THR B 29 -0.95 12.63 28.03
N THR B 30 -1.40 12.37 26.82
CA THR B 30 -0.54 12.46 25.63
C THR B 30 -0.08 13.90 25.43
N ASP B 31 -0.95 14.87 25.69
CA ASP B 31 -0.56 16.29 25.54
C ASP B 31 0.55 16.63 26.51
N PHE B 32 0.49 16.11 27.74
CA PHE B 32 1.51 16.40 28.75
C PHE B 32 2.84 15.74 28.36
N LYS B 33 2.76 14.57 27.75
CA LYS B 33 3.99 13.88 27.32
C LYS B 33 4.67 14.74 26.27
N HIS B 34 3.87 15.13 25.30
CA HIS B 34 4.30 16.02 24.21
C HIS B 34 4.94 17.29 24.75
N PHE B 35 4.26 17.97 25.65
CA PHE B 35 4.77 19.22 26.25
C PHE B 35 6.13 19.00 26.88
N SER B 36 6.25 17.93 27.65
CA SER B 36 7.49 17.58 28.35
C SER B 36 8.57 17.30 27.32
N ARG B 37 8.22 16.48 26.34
CA ARG B 37 9.19 16.05 25.34
C ARG B 37 9.69 17.20 24.49
N VAL B 38 8.80 18.10 24.10
CA VAL B 38 9.18 19.25 23.24
C VAL B 38 10.05 20.22 24.04
N THR B 39 9.70 20.47 25.29
CA THR B 39 10.41 21.50 26.07
C THR B 39 11.73 21.00 26.67
N LYS B 40 11.84 19.69 26.93
CA LYS B 40 13.09 19.09 27.42
C LYS B 40 14.09 18.73 26.32
N THR B 41 13.63 18.17 25.21
CA THR B 41 14.58 17.57 24.24
C THR B 41 15.54 18.60 23.61
N THR B 42 16.85 18.30 23.52
CA THR B 42 17.94 19.20 23.05
C THR B 42 18.67 18.61 21.84
N ALA B 46 25.29 19.29 23.23
CA ALA B 46 26.26 19.82 24.22
C ALA B 46 25.65 19.73 25.63
N SER B 47 26.23 20.44 26.60
CA SER B 47 25.67 20.65 27.98
C SER B 47 24.55 21.70 27.93
N ARG B 48 24.24 22.21 26.73
CA ARG B 48 23.03 23.02 26.45
C ARG B 48 21.82 22.08 26.40
N PHE B 49 20.62 23.83 28.36
CA PHE B 49 19.21 23.38 28.59
C PHE B 49 18.30 24.36 27.86
N ASN B 50 17.06 23.95 27.71
CA ASN B 50 15.99 24.86 27.22
C ASN B 50 15.44 25.68 28.36
N ALA B 51 14.88 26.83 28.00
CA ALA B 51 14.20 27.69 28.99
C ALA B 51 12.71 27.66 28.75
N VAL B 52 11.94 27.67 29.83
CA VAL B 52 10.50 27.94 29.72
C VAL B 52 10.18 29.25 30.41
N VAL B 53 9.43 30.09 29.72
CA VAL B 53 9.01 31.40 30.26
C VAL B 53 7.50 31.36 30.46
N MET B 54 7.06 31.77 31.65
CA MET B 54 5.63 31.69 32.02
C MET B 54 5.22 32.91 32.82
N GLY B 55 3.92 33.20 32.80
CA GLY B 55 3.32 34.25 33.63
C GLY B 55 3.07 33.77 35.03
N ARG B 56 2.81 34.71 35.93
CA ARG B 56 2.63 34.44 37.38
C ARG B 56 1.49 33.46 37.61
N LYS B 57 0.36 33.73 36.98
CA LYS B 57 -0.85 32.91 37.20
C LYS B 57 -0.61 31.49 36.69
N THR B 58 0.11 31.38 35.58
CA THR B 58 0.45 30.06 35.02
C THR B 58 1.30 29.31 36.03
N TRP B 59 2.26 30.01 36.61
CA TRP B 59 3.11 29.40 37.66
C TRP B 59 2.26 28.94 38.83
N GLU B 60 1.30 29.78 39.23
CA GLU B 60 0.40 29.46 40.35
C GLU B 60 -0.55 28.32 40.01
N SER B 61 -0.93 28.23 38.73
CA SER B 61 -1.93 27.22 38.29
C SER B 61 -1.33 25.81 38.39
N MET B 62 -0.01 25.73 38.29
CA MET B 62 0.73 24.46 38.23
C MET B 62 0.77 23.85 39.63
N PRO B 63 0.51 22.52 39.73
CA PRO B 63 0.68 21.82 41.00
C PRO B 63 2.11 21.93 41.52
N ARG B 64 2.24 22.08 42.84
CA ARG B 64 3.57 22.22 43.48
C ARG B 64 4.50 21.08 43.07
N LYS B 65 3.99 19.84 42.94
CA LYS B 65 4.79 18.61 42.67
C LYS B 65 5.57 18.78 41.36
N PHE B 66 4.99 19.51 40.41
CA PHE B 66 5.58 19.66 39.06
C PHE B 66 6.39 20.94 38.93
N ARG B 67 6.39 21.79 39.95
CA ARG B 67 7.02 23.11 39.80
C ARG B 67 8.19 23.29 40.76
N PRO B 68 9.39 23.71 40.27
CA PRO B 68 9.63 24.15 38.88
C PRO B 68 9.67 22.98 37.89
N LEU B 69 9.46 23.28 36.63
CA LEU B 69 9.52 22.26 35.57
C LEU B 69 10.93 21.71 35.50
N VAL B 70 11.09 20.40 35.64
CA VAL B 70 12.44 19.80 35.80
C VAL B 70 13.25 19.85 34.50
N ASP B 71 14.56 20.00 34.65
CA ASP B 71 15.53 19.96 33.54
C ASP B 71 15.37 21.16 32.60
N ARG B 72 14.63 22.17 33.03
CA ARG B 72 14.42 23.35 32.19
C ARG B 72 14.61 24.57 33.05
N LEU B 73 15.31 25.56 32.52
CA LEU B 73 15.41 26.87 33.20
C LEU B 73 14.03 27.47 33.23
N ASN B 74 13.56 27.79 34.43
CA ASN B 74 12.23 28.43 34.59
C ASN B 74 12.41 29.93 34.76
N ILE B 75 11.67 30.68 33.98
CA ILE B 75 11.57 32.15 34.17
C ILE B 75 10.11 32.51 34.38
N VAL B 76 9.84 33.21 35.47
CA VAL B 76 8.47 33.72 35.73
C VAL B 76 8.44 35.21 35.50
N VAL B 77 7.46 35.65 34.74
CA VAL B 77 7.22 37.09 34.51
C VAL B 77 6.21 37.61 35.52
N SER B 78 6.65 38.47 36.43
CA SER B 78 5.79 39.02 37.47
C SER B 78 6.47 40.23 38.05
N SER B 79 5.70 41.15 38.61
CA SER B 79 6.28 42.28 39.36
C SER B 79 6.00 42.11 40.85
N SER B 80 5.00 41.28 41.16
CA SER B 80 4.55 41.10 42.55
C SER B 80 5.38 40.03 43.24
N LEU B 81 5.65 38.95 42.53
CA LEU B 81 6.34 37.76 43.05
C LEU B 81 7.85 37.99 43.02
N LYS B 82 8.49 37.31 43.96
CA LYS B 82 9.94 37.49 44.25
C LYS B 82 10.72 36.18 44.13
N GLU B 83 11.95 36.33 43.63
CA GLU B 83 12.85 35.18 43.37
C GLU B 83 13.03 34.37 44.63
N GLU B 84 13.09 35.08 45.75
CA GLU B 84 13.33 34.53 47.10
C GLU B 84 12.16 33.68 47.56
N ASP B 85 10.95 34.11 47.21
CA ASP B 85 9.72 33.36 47.52
C ASP B 85 9.91 31.93 47.03
N ILE B 86 10.35 31.80 45.78
CA ILE B 86 10.56 30.45 45.22
C ILE B 86 11.74 29.81 45.91
N ALA B 87 12.64 30.56 46.55
CA ALA B 87 13.83 29.94 47.14
C ALA B 87 13.43 29.01 48.27
N ALA B 88 12.47 29.50 49.06
CA ALA B 88 11.95 28.83 50.26
C ALA B 88 10.62 28.17 49.99
N GLU B 89 9.98 28.41 48.86
CA GLU B 89 8.72 27.74 48.50
C GLU B 89 8.89 26.21 48.51
N LYS B 90 10.07 25.74 48.13
CA LYS B 90 10.31 24.30 47.94
C LYS B 90 11.81 24.00 48.02
N PRO B 91 12.24 22.83 48.54
CA PRO B 91 13.65 22.45 48.53
C PRO B 91 14.24 22.30 47.11
N GLN B 92 15.39 22.95 46.87
CA GLN B 92 16.07 23.08 45.55
C GLN B 92 17.03 21.90 45.34
N ALA B 93 16.84 21.14 44.26
CA ALA B 93 17.72 20.01 43.88
C ALA B 93 18.98 20.58 43.24
N GLU B 94 20.14 19.93 43.46
CA GLU B 94 21.40 20.18 42.73
C GLU B 94 21.25 19.76 41.26
N GLY B 95 21.98 20.39 40.34
CA GLY B 95 21.96 20.08 38.90
C GLY B 95 20.94 20.86 38.12
N GLN B 96 19.92 21.33 38.83
CA GLN B 96 18.85 22.19 38.26
C GLN B 96 19.15 23.66 38.47
N GLN B 97 18.63 24.50 37.57
CA GLN B 97 18.90 25.95 37.63
C GLN B 97 17.88 26.66 38.48
N ARG B 98 18.35 27.67 39.19
CA ARG B 98 17.51 28.51 40.05
C ARG B 98 16.49 29.25 39.19
N VAL B 99 15.26 29.30 39.66
CA VAL B 99 14.17 30.03 38.98
C VAL B 99 14.49 31.52 39.03
N ARG B 100 14.34 32.15 37.88
CA ARG B 100 14.46 33.61 37.72
C ARG B 100 13.09 34.26 37.63
N VAL B 101 13.01 35.50 38.10
CA VAL B 101 11.78 36.32 37.92
C VAL B 101 12.16 37.56 37.15
N CYS B 102 11.35 37.91 36.15
CA CYS B 102 11.59 39.12 35.33
C CYS B 102 10.33 39.96 35.26
N ALA B 103 10.46 41.24 34.98
CA ALA B 103 9.33 42.19 35.06
C ALA B 103 8.48 42.19 33.79
N SER B 104 9.03 41.72 32.68
CA SER B 104 8.25 41.68 31.44
C SER B 104 8.87 40.65 30.54
N LEU B 105 8.23 40.40 29.42
CA LEU B 105 8.77 39.42 28.45
C LEU B 105 10.07 39.95 27.86
N PRO B 106 10.11 41.22 27.43
CA PRO B 106 11.37 41.80 26.95
C PRO B 106 12.53 41.62 27.94
N ALA B 107 12.24 41.78 29.22
CA ALA B 107 13.25 41.62 30.28
C ALA B 107 13.71 40.17 30.37
N ALA B 108 12.79 39.23 30.21
CA ALA B 108 13.11 37.79 30.29
C ALA B 108 14.06 37.42 29.16
N LEU B 109 13.81 37.97 27.98
CA LEU B 109 14.63 37.69 26.78
C LEU B 109 16.00 38.35 26.88
N SER B 110 16.05 39.52 27.50
CA SER B 110 17.33 40.22 27.75
C SER B 110 18.19 39.39 28.69
N LEU B 111 17.57 38.91 29.77
CA LEU B 111 18.27 38.15 30.81
C LEU B 111 18.87 36.91 30.16
N LEU B 112 18.08 36.26 29.33
CA LEU B 112 18.53 35.05 28.62
C LEU B 112 19.81 35.38 27.83
N GLU B 113 19.81 36.50 27.09
CA GLU B 113 21.00 36.97 26.30
C GLU B 113 22.16 37.29 27.25
N GLU B 114 21.94 38.24 28.17
CA GLU B 114 22.96 38.72 29.16
C GLU B 114 23.61 37.56 29.89
N GLU B 115 22.83 36.81 30.66
CA GLU B 115 23.34 35.84 31.65
C GLU B 115 23.29 34.37 31.20
N TYR B 116 22.59 34.07 30.11
CA TYR B 116 22.60 32.67 29.60
C TYR B 116 22.88 32.55 28.08
N LYS B 117 23.99 33.15 27.63
CA LYS B 117 24.29 33.34 26.19
C LYS B 117 24.40 31.99 25.49
N ASP B 118 25.01 30.98 26.12
CA ASP B 118 25.36 29.70 25.43
C ASP B 118 24.77 28.51 26.18
N SER B 119 24.25 28.71 27.40
CA SER B 119 23.74 27.63 28.29
C SER B 119 22.47 27.00 27.72
N VAL B 120 21.62 27.85 27.16
CA VAL B 120 20.29 27.47 26.62
C VAL B 120 20.38 27.27 25.11
N ASP B 121 19.55 26.33 24.66
CA ASP B 121 19.31 26.12 23.21
C ASP B 121 18.06 26.89 22.85
N GLN B 122 16.91 26.40 23.29
CA GLN B 122 15.61 26.94 22.81
C GLN B 122 14.88 27.68 23.91
N ILE B 123 14.13 28.69 23.49
CA ILE B 123 13.27 29.45 24.42
C ILE B 123 11.83 29.14 24.10
N PHE B 124 11.08 28.73 25.12
CA PHE B 124 9.66 28.37 24.99
C PHE B 124 8.83 29.29 25.87
N VAL B 125 7.85 29.95 25.29
CA VAL B 125 6.82 30.67 26.05
C VAL B 125 5.63 29.75 26.27
N VAL B 126 5.23 29.59 27.52
CA VAL B 126 4.41 28.44 27.97
C VAL B 126 3.13 28.95 28.64
N GLY B 127 2.77 30.21 28.44
CA GLY B 127 1.52 30.77 28.93
C GLY B 127 1.74 31.71 30.09
N GLY B 128 0.68 32.42 30.50
CA GLY B 128 -0.64 32.32 29.90
C GLY B 128 -0.88 33.38 28.85
N ALA B 129 -2.11 33.88 28.78
CA ALA B 129 -2.54 34.81 27.72
C ALA B 129 -1.71 36.07 27.74
N GLY B 130 -1.30 36.50 28.93
CA GLY B 130 -0.42 37.65 29.08
C GLY B 130 0.84 37.48 28.26
N LEU B 131 1.48 36.33 28.41
CA LEU B 131 2.76 36.08 27.71
C LEU B 131 2.55 35.78 26.23
N TYR B 132 1.51 35.04 25.89
CA TYR B 132 1.24 34.68 24.49
C TYR B 132 1.04 35.96 23.69
N GLU B 133 0.25 36.85 24.28
CA GLU B 133 -0.10 38.14 23.65
C GLU B 133 1.14 38.99 23.44
N ALA B 134 1.96 39.11 24.47
CA ALA B 134 3.18 39.93 24.38
C ALA B 134 4.10 39.37 23.31
N ALA B 135 4.31 38.05 23.35
CA ALA B 135 5.22 37.38 22.41
C ALA B 135 4.79 37.62 20.96
N LEU B 136 3.49 37.59 20.70
CA LEU B 136 2.96 37.82 19.34
C LEU B 136 3.06 39.28 18.98
N SER B 137 2.89 40.16 19.96
CA SER B 137 3.01 41.62 19.74
C SER B 137 4.45 41.98 19.37
N LEU B 138 5.39 41.39 20.08
CA LEU B 138 6.82 41.67 19.82
C LEU B 138 7.24 41.05 18.48
N GLY B 139 6.51 40.04 18.03
CA GLY B 139 6.84 39.35 16.79
C GLY B 139 8.08 38.49 16.91
N VAL B 140 8.34 37.98 18.09
CA VAL B 140 9.57 37.20 18.36
C VAL B 140 9.31 35.70 18.23
N ALA B 141 8.07 35.29 18.03
CA ALA B 141 7.74 33.86 17.95
C ALA B 141 7.95 33.37 16.52
N SER B 142 8.79 32.37 16.34
CA SER B 142 9.03 31.78 15.01
C SER B 142 8.07 30.64 14.75
N HIS B 143 7.71 29.91 15.80
CA HIS B 143 6.92 28.68 15.68
C HIS B 143 5.82 28.63 16.74
N LEU B 144 4.67 28.06 16.38
CA LEU B 144 3.67 27.73 17.39
C LEU B 144 3.54 26.23 17.48
N TYR B 145 3.75 25.69 18.67
CA TYR B 145 3.38 24.29 18.96
C TYR B 145 1.98 24.30 19.55
N ILE B 146 1.01 23.94 18.76
CA ILE B 146 -0.41 24.01 19.15
C ILE B 146 -1.00 22.62 19.28
N THR B 147 -1.51 22.31 20.46
CA THR B 147 -2.35 21.12 20.66
C THR B 147 -3.78 21.58 20.39
N ARG B 148 -4.40 21.09 19.34
CA ARG B 148 -5.79 21.49 19.04
C ARG B 148 -6.74 20.57 19.74
N VAL B 149 -7.39 21.08 20.79
CA VAL B 149 -8.45 20.32 21.46
C VAL B 149 -9.70 20.52 20.63
N ALA B 150 -10.34 19.42 20.26
CA ALA B 150 -11.45 19.47 19.28
C ALA B 150 -12.78 19.79 19.95
N ARG B 151 -12.89 19.53 21.24
CA ARG B 151 -14.12 19.90 21.97
C ARG B 151 -14.02 21.31 22.52
N GLU B 152 -15.16 21.98 22.54
CA GLU B 152 -15.27 23.28 23.22
C GLU B 152 -15.52 23.03 24.71
N PHE B 153 -14.91 23.86 25.54
CA PHE B 153 -15.10 23.81 26.99
C PHE B 153 -15.33 25.23 27.47
N PRO B 154 -16.06 25.38 28.59
CA PRO B 154 -16.12 26.67 29.28
C PRO B 154 -14.71 27.20 29.55
N CYS B 155 -14.43 28.40 29.08
CA CYS B 155 -13.12 29.06 29.26
C CYS B 155 -13.36 30.54 29.61
N ASP B 156 -12.45 31.11 30.40
CA ASP B 156 -12.49 32.57 30.63
C ASP B 156 -11.22 33.23 30.09
N VAL B 157 -10.28 32.42 29.66
CA VAL B 157 -9.03 32.96 29.08
C VAL B 157 -8.79 32.36 27.71
N PHE B 158 -8.35 33.20 26.77
CA PHE B 158 -8.25 32.83 25.33
C PHE B 158 -6.88 33.17 24.77
N PHE B 159 -6.37 32.30 23.90
CA PHE B 159 -5.15 32.59 23.11
C PHE B 159 -5.54 33.66 22.12
N PRO B 160 -4.67 34.64 21.85
CA PRO B 160 -5.05 35.73 20.95
C PRO B 160 -5.29 35.28 19.51
N ALA B 161 -6.11 36.08 18.81
CA ALA B 161 -6.30 35.94 17.37
C ALA B 161 -4.96 36.06 16.67
N PHE B 162 -4.76 35.26 15.62
CA PHE B 162 -3.52 35.33 14.84
C PHE B 162 -3.80 34.93 13.40
N PRO B 163 -3.10 35.56 12.44
CA PRO B 163 -3.23 35.19 11.05
C PRO B 163 -2.82 33.73 10.83
N GLY B 164 -3.77 32.94 10.36
CA GLY B 164 -3.57 31.49 10.28
C GLY B 164 -4.30 30.76 11.38
N ASP B 165 -5.13 31.48 12.15
CA ASP B 165 -5.93 30.83 13.21
C ASP B 165 -7.13 30.09 12.63
N ASP B 166 -7.18 29.98 11.32
CA ASP B 166 -8.21 29.19 10.64
C ASP B 166 -7.95 27.69 10.75
N ILE B 167 -6.76 27.33 11.22
CA ILE B 167 -6.34 25.96 11.57
C ILE B 167 -7.19 25.41 12.71
N LEU B 168 -7.87 26.31 13.40
CA LEU B 168 -8.58 25.95 14.64
C LEU B 168 -10.07 25.77 14.39
N SER B 169 -10.65 26.71 13.66
CA SER B 169 -12.05 26.62 13.20
C SER B 169 -12.28 27.55 12.04
N ASN B 170 -13.46 27.47 11.47
CA ASN B 170 -13.86 28.31 10.33
C ASN B 170 -14.10 29.76 10.78
N LYS B 171 -13.64 30.75 10.02
CA LYS B 171 -13.93 32.17 10.32
C LYS B 171 -15.17 32.53 9.50
N ALA B 181 2.49 38.90 7.54
CA ALA B 181 3.18 37.83 8.30
C ALA B 181 2.16 36.85 8.89
N THR B 182 2.20 35.57 8.48
CA THR B 182 1.14 34.56 8.73
C THR B 182 1.80 33.31 9.28
N TYR B 183 1.02 32.49 9.96
CA TYR B 183 1.52 31.25 10.55
C TYR B 183 0.98 30.06 9.77
N ARG B 184 1.86 29.39 9.07
CA ARG B 184 1.44 28.24 8.23
C ARG B 184 1.86 26.93 8.90
N PRO B 185 0.98 25.93 8.87
CA PRO B 185 1.30 24.63 9.44
C PRO B 185 2.29 23.84 8.61
N ILE B 186 3.25 23.27 9.32
CA ILE B 186 4.33 22.51 8.68
C ILE B 186 4.25 21.08 9.18
N PHE B 187 3.29 20.83 10.06
CA PHE B 187 3.20 19.57 10.80
C PHE B 187 1.78 19.37 11.27
N ILE B 188 1.19 18.23 10.93
CA ILE B 188 -0.15 17.87 11.43
C ILE B 188 -0.17 16.40 11.80
N SER B 189 -0.32 16.11 13.07
CA SER B 189 -0.27 14.72 13.59
C SER B 189 -1.58 13.99 13.38
N LYS B 190 -1.59 12.70 13.67
CA LYS B 190 -2.84 11.95 13.72
C LYS B 190 -3.58 12.37 14.97
N THR B 191 -4.81 11.90 15.07
CA THR B 191 -5.71 12.32 16.16
C THR B 191 -5.53 11.44 17.39
N PHE B 192 -5.36 12.08 18.53
CA PHE B 192 -5.25 11.38 19.82
C PHE B 192 -6.52 11.62 20.60
N SER B 193 -6.69 10.85 21.66
CA SER B 193 -7.78 11.12 22.61
C SER B 193 -7.45 10.62 24.00
N ASP B 194 -7.85 11.40 25.01
CA ASP B 194 -7.77 11.01 26.43
C ASP B 194 -9.02 11.53 27.09
N ASN B 195 -9.63 10.71 27.93
CA ASN B 195 -10.80 11.11 28.76
C ASN B 195 -11.92 11.70 27.91
N GLY B 196 -12.14 11.12 26.75
CA GLY B 196 -13.24 11.50 25.89
C GLY B 196 -13.01 12.82 25.20
N VAL B 197 -11.74 13.21 25.07
CA VAL B 197 -11.37 14.48 24.40
C VAL B 197 -10.48 14.16 23.21
N PRO B 198 -10.92 14.46 21.97
CA PRO B 198 -10.03 14.32 20.83
C PRO B 198 -9.13 15.54 20.69
N TYR B 199 -7.90 15.31 20.26
CA TYR B 199 -6.97 16.42 19.98
C TYR B 199 -5.84 15.96 19.08
N ASP B 200 -5.16 16.93 18.49
CA ASP B 200 -3.95 16.61 17.69
C ASP B 200 -2.91 17.70 17.87
N PHE B 201 -1.76 17.47 17.25
CA PHE B 201 -0.61 18.38 17.39
C PHE B 201 -0.28 19.01 16.05
N VAL B 202 -0.19 20.33 16.05
CA VAL B 202 0.33 21.06 14.86
C VAL B 202 1.50 21.94 15.25
N VAL B 203 2.35 22.18 14.28
CA VAL B 203 3.43 23.18 14.43
C VAL B 203 3.23 24.19 13.32
N LEU B 204 3.13 25.45 13.67
CA LEU B 204 3.01 26.52 12.68
C LEU B 204 4.34 27.25 12.62
N GLU B 205 4.64 27.81 11.46
CA GLU B 205 5.89 28.56 11.26
C GLU B 205 5.54 29.93 10.73
N LYS B 206 6.10 30.97 11.35
CA LYS B 206 5.89 32.35 10.89
C LYS B 206 6.48 32.50 9.49
N ARG B 207 5.64 32.96 8.56
CA ARG B 207 5.96 33.04 7.13
C ARG B 207 5.81 34.51 6.70
N ARG B 208 6.17 34.82 5.46
CA ARG B 208 6.16 36.21 4.92
C ARG B 208 6.25 36.18 3.39
N SER B 241 30.60 4.57 -2.31
CA SER B 241 30.43 4.31 -3.76
C SER B 241 29.37 3.20 -4.00
N SER B 242 28.66 2.75 -2.97
CA SER B 242 27.52 1.81 -3.09
C SER B 242 26.37 2.51 -3.82
N ALA B 243 26.07 3.75 -3.45
CA ALA B 243 25.02 4.60 -4.08
C ALA B 243 25.52 5.18 -5.41
N ALA B 244 26.83 5.39 -5.54
CA ALA B 244 27.49 5.94 -6.76
C ALA B 244 27.46 4.92 -7.90
N ALA B 245 27.51 3.63 -7.57
CA ALA B 245 27.45 2.49 -8.53
C ALA B 245 26.01 2.28 -9.00
N ILE B 246 25.05 2.34 -8.07
CA ILE B 246 23.59 2.25 -8.34
C ILE B 246 23.16 3.44 -9.20
N ALA B 247 23.73 4.63 -8.96
CA ALA B 247 23.27 5.95 -9.48
C ALA B 247 23.02 5.92 -10.99
N PRO B 248 24.03 5.62 -11.84
CA PRO B 248 23.84 5.68 -13.28
C PRO B 248 22.70 4.80 -13.82
N VAL B 249 22.45 3.65 -13.19
CA VAL B 249 21.39 2.67 -13.61
C VAL B 249 20.02 3.24 -13.24
N LEU B 250 19.89 3.85 -12.04
CA LEU B 250 18.64 4.52 -11.59
C LEU B 250 18.28 5.64 -12.57
N ALA B 251 19.29 6.40 -13.02
CA ALA B 251 19.15 7.60 -13.88
C ALA B 251 18.38 7.28 -15.17
N TRP B 252 18.74 6.19 -15.86
CA TRP B 252 18.08 5.79 -17.14
C TRP B 252 16.70 5.17 -16.86
N MET B 253 16.53 4.52 -15.70
CA MET B 253 15.29 3.80 -15.33
C MET B 253 14.14 4.75 -15.02
N ASP B 254 14.42 5.96 -14.50
CA ASP B 254 13.39 7.03 -14.32
C ASP B 254 13.53 8.05 -15.47
N GLU B 255 12.63 7.96 -16.46
CA GLU B 255 12.47 8.95 -17.57
C GLU B 255 11.16 9.71 -17.34
N GLU B 256 11.10 10.43 -16.21
CA GLU B 256 9.91 11.19 -15.72
C GLU B 256 10.38 12.55 -15.20
N LEU B 266 1.17 19.42 -11.40
CA LEU B 266 1.22 18.32 -10.38
C LEU B 266 0.46 18.76 -9.12
N ILE B 267 -0.69 18.16 -8.87
CA ILE B 267 -1.54 18.55 -7.72
C ILE B 267 -0.95 17.86 -6.50
N ARG B 268 -0.77 18.66 -5.45
CA ARG B 268 -0.40 18.22 -4.09
C ARG B 268 -1.26 18.92 -3.04
N ALA B 269 -1.72 18.17 -2.05
CA ALA B 269 -2.65 18.73 -1.05
C ALA B 269 -1.86 19.44 0.04
N VAL B 270 -2.18 20.73 0.28
CA VAL B 270 -1.49 21.57 1.29
C VAL B 270 -0.01 21.23 1.39
N PRO B 271 0.75 21.50 0.30
CA PRO B 271 2.14 21.07 0.18
C PRO B 271 3.12 21.60 1.22
N HIS B 272 2.78 22.71 1.85
CA HIS B 272 3.58 23.32 2.93
C HIS B 272 3.63 22.40 4.14
N VAL B 273 2.63 21.54 4.28
CA VAL B 273 2.61 20.59 5.41
C VAL B 273 3.58 19.44 5.15
N HIS B 274 4.67 19.41 5.88
CA HIS B 274 5.78 18.46 5.61
C HIS B 274 5.61 17.16 6.36
N PHE B 275 5.26 17.22 7.62
CA PHE B 275 4.91 15.99 8.35
C PHE B 275 3.41 15.75 8.26
N ARG B 276 3.04 14.70 7.56
CA ARG B 276 1.62 14.47 7.20
C ARG B 276 1.07 13.29 7.97
N GLY B 277 1.01 13.42 9.29
CA GLY B 277 0.57 12.33 10.15
C GLY B 277 -0.93 12.09 10.13
N HIS B 278 -1.70 13.14 9.95
CA HIS B 278 -3.18 13.04 9.94
C HIS B 278 -3.61 12.02 8.90
N GLU B 279 -4.41 11.06 9.33
CA GLU B 279 -4.82 9.93 8.46
C GLU B 279 -5.70 10.40 7.30
N GLU B 280 -6.24 11.60 7.41
CA GLU B 280 -7.01 12.21 6.31
C GLU B 280 -6.12 12.52 5.11
N PHE B 281 -4.82 12.52 5.31
CA PHE B 281 -3.91 12.73 4.17
C PHE B 281 -3.98 11.56 3.19
N GLN B 282 -4.42 10.40 3.64
CA GLN B 282 -4.62 9.25 2.72
C GLN B 282 -5.67 9.60 1.69
N TYR B 283 -6.76 10.21 2.15
CA TYR B 283 -7.86 10.57 1.27
C TYR B 283 -7.42 11.71 0.36
N LEU B 284 -6.75 12.69 0.94
CA LEU B 284 -6.33 13.88 0.18
C LEU B 284 -5.29 13.49 -0.87
N ASP B 285 -4.37 12.61 -0.52
CA ASP B 285 -3.32 12.17 -1.47
C ASP B 285 -3.94 11.29 -2.55
N LEU B 286 -4.97 10.54 -2.21
CA LEU B 286 -5.63 9.67 -3.19
C LEU B 286 -6.31 10.55 -4.25
N ILE B 287 -6.91 11.65 -3.83
CA ILE B 287 -7.52 12.59 -4.79
C ILE B 287 -6.46 13.09 -5.76
N ALA B 288 -5.35 13.57 -5.21
CA ALA B 288 -4.24 14.12 -6.01
C ALA B 288 -3.66 13.07 -6.96
N ASP B 289 -3.47 11.86 -6.44
CA ASP B 289 -2.89 10.72 -7.19
C ASP B 289 -3.75 10.40 -8.43
N ILE B 290 -5.05 10.31 -8.24
CA ILE B 290 -5.99 10.05 -9.36
C ILE B 290 -5.94 11.17 -10.38
N ILE B 291 -5.94 12.40 -9.93
CA ILE B 291 -5.94 13.56 -10.85
C ILE B 291 -4.62 13.64 -11.61
N ASN B 292 -3.52 13.37 -10.93
CA ASN B 292 -2.19 13.40 -11.57
C ASN B 292 -1.97 12.21 -12.49
N ASN B 293 -2.35 11.01 -12.02
CA ASN B 293 -1.87 9.76 -12.65
C ASN B 293 -2.97 8.93 -13.27
N GLY B 294 -4.22 9.29 -12.97
CA GLY B 294 -5.37 8.54 -13.48
C GLY B 294 -5.58 8.72 -14.95
N ARG B 295 -6.45 7.90 -15.50
CA ARG B 295 -6.74 7.95 -16.95
C ARG B 295 -8.16 8.42 -17.17
N THR B 296 -8.30 9.32 -18.12
CA THR B 296 -9.63 9.84 -18.48
C THR B 296 -10.39 8.78 -19.26
N MET B 297 -11.58 8.45 -18.77
CA MET B 297 -12.45 7.44 -19.40
C MET B 297 -13.88 7.93 -19.51
N ASP B 298 -14.63 7.31 -20.39
CA ASP B 298 -16.11 7.44 -20.37
C ASP B 298 -16.67 6.46 -19.36
N ASP B 299 -17.98 6.51 -19.18
CA ASP B 299 -18.61 5.61 -18.22
C ASP B 299 -20.11 5.60 -18.45
N ARG B 300 -20.76 4.82 -17.61
CA ARG B 300 -22.24 4.63 -17.60
C ARG B 300 -22.98 5.98 -17.64
N THR B 301 -22.45 6.96 -16.93
CA THR B 301 -23.20 8.18 -16.60
C THR B 301 -23.20 9.18 -17.76
N GLY B 302 -22.24 9.07 -18.66
CA GLY B 302 -22.10 10.06 -19.73
C GLY B 302 -21.24 11.23 -19.34
N VAL B 303 -20.99 11.38 -18.04
CA VAL B 303 -20.07 12.35 -17.45
C VAL B 303 -18.71 11.76 -17.69
N GLY B 304 -17.71 12.61 -17.77
CA GLY B 304 -16.31 12.16 -17.72
C GLY B 304 -15.96 11.45 -16.43
N VAL B 305 -14.92 10.61 -16.46
CA VAL B 305 -14.27 10.08 -15.24
C VAL B 305 -12.76 10.08 -15.42
N ILE B 306 -12.02 10.34 -14.35
CA ILE B 306 -10.57 10.03 -14.29
C ILE B 306 -10.41 8.89 -13.31
N SER B 307 -9.84 7.78 -13.75
CA SER B 307 -9.85 6.55 -12.90
C SER B 307 -8.47 5.93 -12.66
N LYS B 308 -8.39 5.22 -11.54
CA LYS B 308 -7.29 4.30 -11.22
C LYS B 308 -7.90 3.00 -10.75
N PHE B 309 -7.07 1.97 -10.66
CA PHE B 309 -7.54 0.63 -10.27
C PHE B 309 -6.68 0.05 -9.13
N GLY B 310 -7.34 -0.31 -8.04
CA GLY B 310 -6.68 -0.95 -6.92
C GLY B 310 -6.08 0.06 -5.98
N CYS B 311 -6.89 0.52 -5.03
CA CYS B 311 -6.45 1.53 -4.07
C CYS B 311 -6.82 1.11 -2.67
N THR B 312 -6.12 1.70 -1.71
CA THR B 312 -6.13 1.24 -0.31
C THR B 312 -6.06 2.43 0.64
N MET B 313 -6.86 2.40 1.71
CA MET B 313 -6.70 3.31 2.85
C MET B 313 -6.95 2.51 4.10
N ARG B 314 -6.43 2.97 5.23
CA ARG B 314 -6.85 2.36 6.52
C ARG B 314 -6.88 3.38 7.65
N TYR B 315 -7.91 3.28 8.49
CA TYR B 315 -8.23 4.28 9.52
C TYR B 315 -8.30 3.64 10.90
N SER B 316 -7.59 4.23 11.85
CA SER B 316 -7.62 3.80 13.26
C SER B 316 -8.98 4.13 13.85
N LEU B 317 -9.49 3.23 14.68
CA LEU B 317 -10.81 3.46 15.32
C LEU B 317 -10.66 3.46 16.82
N ASP B 318 -9.47 3.22 17.33
CA ASP B 318 -9.25 3.10 18.78
C ASP B 318 -9.30 4.44 19.52
N GLN B 319 -8.81 5.51 18.90
CA GLN B 319 -8.72 6.83 19.56
C GLN B 319 -9.82 7.77 19.10
N ALA B 320 -10.05 7.83 17.79
CA ALA B 320 -11.01 8.77 17.20
C ALA B 320 -11.76 8.13 16.04
N PHE B 321 -12.58 8.92 15.37
CA PHE B 321 -13.48 8.41 14.32
C PHE B 321 -13.21 9.15 13.03
N PRO B 322 -12.95 8.43 11.92
CA PRO B 322 -12.60 9.07 10.65
C PRO B 322 -13.78 9.69 9.90
N LEU B 323 -14.35 10.73 10.51
CA LEU B 323 -15.32 11.60 9.82
C LEU B 323 -14.52 12.73 9.20
N LEU B 324 -14.34 12.70 7.89
CA LEU B 324 -13.43 13.66 7.22
C LEU B 324 -13.80 15.13 7.51
N THR B 325 -12.78 15.97 7.59
CA THR B 325 -12.91 17.31 8.19
C THR B 325 -12.76 18.37 7.13
N THR B 326 -12.32 17.95 5.96
CA THR B 326 -11.90 18.92 4.95
C THR B 326 -13.12 19.36 4.15
N LYS B 327 -14.21 18.63 4.33
CA LYS B 327 -15.57 19.14 4.12
C LYS B 327 -16.53 18.41 5.02
N ARG B 328 -17.63 19.07 5.36
CA ARG B 328 -18.63 18.47 6.28
C ARG B 328 -19.24 17.23 5.63
N VAL B 329 -19.21 16.13 6.37
CA VAL B 329 -19.81 14.86 5.90
C VAL B 329 -21.22 14.74 6.47
N PHE B 330 -22.14 14.19 5.69
CA PHE B 330 -23.57 14.08 6.07
C PHE B 330 -23.77 12.93 7.05
N TRP B 331 -23.50 13.18 8.33
CA TRP B 331 -23.54 12.12 9.37
C TRP B 331 -24.92 11.53 9.57
N LYS B 332 -25.95 12.36 9.55
CA LYS B 332 -27.33 11.89 9.70
C LYS B 332 -27.57 10.88 8.60
N GLY B 333 -27.05 11.19 7.43
CA GLY B 333 -27.12 10.31 6.26
C GLY B 333 -26.44 8.98 6.47
N VAL B 334 -25.24 8.98 7.03
CA VAL B 334 -24.50 7.70 7.20
C VAL B 334 -25.25 6.84 8.22
N LEU B 335 -25.66 7.48 9.30
CA LEU B 335 -26.26 6.75 10.43
C LEU B 335 -27.59 6.16 9.99
N GLU B 336 -28.38 6.96 9.29
CA GLU B 336 -29.74 6.53 8.90
C GLU B 336 -29.66 5.42 7.87
N GLU B 337 -28.73 5.52 6.92
CA GLU B 337 -28.56 4.49 5.88
C GLU B 337 -28.10 3.16 6.48
N LEU B 338 -27.17 3.22 7.42
CA LEU B 338 -26.61 1.99 8.03
C LEU B 338 -27.68 1.25 8.84
N LEU B 339 -28.49 1.99 9.59
CA LEU B 339 -29.59 1.40 10.35
C LEU B 339 -30.59 0.73 9.40
N TRP B 340 -30.84 1.41 8.29
CA TRP B 340 -31.75 0.94 7.20
C TRP B 340 -31.22 -0.36 6.59
N PHE B 341 -29.93 -0.41 6.28
CA PHE B 341 -29.25 -1.64 5.82
C PHE B 341 -29.44 -2.76 6.82
N ILE B 342 -29.20 -2.46 8.09
CA ILE B 342 -29.23 -3.49 9.14
C ILE B 342 -30.63 -4.10 9.24
N ARG B 343 -31.64 -3.27 9.00
CA ARG B 343 -33.04 -3.71 9.03
C ARG B 343 -33.40 -4.65 7.88
N GLY B 344 -32.58 -4.66 6.84
CA GLY B 344 -32.93 -5.40 5.62
C GLY B 344 -33.93 -4.62 4.80
N ASP B 345 -34.03 -3.33 5.06
CA ASP B 345 -35.05 -2.45 4.42
C ASP B 345 -34.64 -2.09 3.00
N THR B 346 -35.60 -2.15 2.08
CA THR B 346 -35.32 -1.83 0.67
C THR B 346 -36.23 -0.73 0.16
N ASN B 347 -36.79 0.03 1.09
CA ASN B 347 -37.73 1.11 0.75
C ASN B 347 -37.03 2.44 1.00
N ALA B 348 -36.56 3.07 -0.07
CA ALA B 348 -35.78 4.32 0.06
C ALA B 348 -36.65 5.49 0.50
N ASN B 349 -37.97 5.31 0.48
CA ASN B 349 -38.88 6.35 0.99
C ASN B 349 -38.72 6.49 2.49
N HIS B 350 -38.33 5.41 3.15
CA HIS B 350 -38.10 5.45 4.60
C HIS B 350 -36.92 6.36 4.90
N LEU B 351 -35.98 6.43 3.98
CA LEU B 351 -34.83 7.35 4.13
C LEU B 351 -35.25 8.76 3.75
N SER B 352 -35.87 8.88 2.58
CA SER B 352 -36.32 10.16 2.03
C SER B 352 -37.15 10.92 3.07
N GLU B 353 -37.99 10.19 3.78
CA GLU B 353 -38.94 10.76 4.76
C GLU B 353 -38.23 11.35 5.97
N LYS B 354 -36.99 10.97 6.19
CA LYS B 354 -36.20 11.48 7.32
C LYS B 354 -35.23 12.55 6.85
N GLY B 355 -35.34 13.00 5.61
CA GLY B 355 -34.42 13.99 5.07
C GLY B 355 -33.15 13.42 4.51
N VAL B 356 -33.12 12.11 4.25
CA VAL B 356 -31.95 11.45 3.65
C VAL B 356 -32.31 11.02 2.22
N LYS B 357 -31.86 11.79 1.25
CA LYS B 357 -32.38 11.63 -0.13
C LYS B 357 -31.39 10.94 -1.04
N ILE B 358 -30.33 10.39 -0.47
CA ILE B 358 -29.22 9.74 -1.20
C ILE B 358 -29.69 8.71 -2.22
N TRP B 359 -30.83 8.07 -2.00
CA TRP B 359 -31.28 6.99 -2.91
C TRP B 359 -32.37 7.43 -3.89
N ASP B 360 -32.81 8.67 -3.79
CA ASP B 360 -34.03 9.12 -4.52
C ASP B 360 -33.86 9.04 -6.03
N LYS B 361 -32.71 9.49 -6.53
CA LYS B 361 -32.46 9.62 -7.98
C LYS B 361 -32.33 8.26 -8.66
N ASN B 362 -32.06 7.23 -7.86
CA ASN B 362 -31.87 5.87 -8.40
C ASN B 362 -33.11 5.03 -8.18
N VAL B 363 -34.18 5.64 -7.65
CA VAL B 363 -35.43 4.89 -7.46
C VAL B 363 -36.63 5.62 -8.06
N THR B 364 -36.39 6.53 -8.99
CA THR B 364 -37.46 7.24 -9.69
C THR B 364 -38.12 6.29 -10.70
N ARG B 365 -39.32 6.65 -11.14
CA ARG B 365 -40.02 5.91 -12.20
C ARG B 365 -39.09 5.79 -13.39
N GLU B 366 -38.47 6.90 -13.71
CA GLU B 366 -37.58 7.04 -14.86
C GLU B 366 -36.38 6.11 -14.77
N PHE B 367 -35.68 6.14 -13.65
CA PHE B 367 -34.44 5.35 -13.51
C PHE B 367 -34.78 3.86 -13.47
N LEU B 368 -35.85 3.52 -12.76
CA LEU B 368 -36.28 2.11 -12.68
C LEU B 368 -36.60 1.56 -14.07
N ASP B 369 -37.20 2.37 -14.92
CA ASP B 369 -37.53 1.94 -16.30
C ASP B 369 -36.27 1.78 -17.14
N SER B 370 -35.31 2.67 -16.97
CA SER B 370 -34.04 2.61 -17.72
C SER B 370 -33.33 1.31 -17.39
N ARG B 371 -33.80 0.68 -16.32
CA ARG B 371 -33.21 -0.55 -15.80
C ARG B 371 -34.11 -1.74 -16.12
N ASN B 372 -35.12 -1.51 -16.94
CA ASN B 372 -36.14 -2.52 -17.25
C ASN B 372 -36.74 -3.08 -15.98
N LEU B 373 -37.12 -2.20 -15.07
CA LEU B 373 -37.91 -2.64 -13.90
C LEU B 373 -39.19 -1.85 -13.82
N PRO B 374 -40.10 -2.00 -14.81
CA PRO B 374 -41.38 -1.28 -14.78
C PRO B 374 -42.27 -1.66 -13.61
N HIS B 375 -42.12 -2.89 -13.13
CA HIS B 375 -43.02 -3.45 -12.11
C HIS B 375 -42.64 -3.01 -10.70
N ARG B 376 -41.52 -2.30 -10.55
CA ARG B 376 -41.09 -1.75 -9.24
C ARG B 376 -41.84 -0.47 -8.93
N GLU B 377 -42.29 -0.41 -7.69
CA GLU B 377 -42.85 0.83 -7.10
C GLU B 377 -41.73 1.82 -6.89
N VAL B 378 -42.04 3.11 -6.98
CA VAL B 378 -41.02 4.16 -6.75
C VAL B 378 -40.46 4.05 -5.33
N GLY B 379 -39.14 4.01 -5.21
CA GLY B 379 -38.49 3.83 -3.90
C GLY B 379 -37.93 2.45 -3.63
N ASP B 380 -38.34 1.45 -4.40
CA ASP B 380 -37.94 0.05 -4.18
C ASP B 380 -36.59 -0.18 -4.85
N ILE B 381 -35.54 -0.32 -4.04
CA ILE B 381 -34.18 -0.58 -4.58
C ILE B 381 -34.00 -2.04 -4.96
N GLY B 382 -35.04 -2.84 -4.76
CA GLY B 382 -35.00 -4.26 -5.10
C GLY B 382 -34.24 -5.00 -4.02
N PRO B 383 -33.73 -6.21 -4.32
CA PRO B 383 -32.95 -6.94 -3.33
C PRO B 383 -31.51 -6.45 -3.18
N GLY B 384 -31.36 -5.17 -2.90
CA GLY B 384 -30.05 -4.54 -2.62
C GLY B 384 -29.51 -4.83 -1.22
N TYR B 385 -28.59 -3.98 -0.76
CA TYR B 385 -27.56 -4.24 0.29
C TYR B 385 -28.13 -4.99 1.49
N GLY B 386 -28.96 -4.31 2.26
CA GLY B 386 -29.45 -4.88 3.52
C GLY B 386 -30.25 -6.15 3.32
N PHE B 387 -30.91 -6.24 2.18
CA PHE B 387 -31.69 -7.45 1.86
C PHE B 387 -30.76 -8.66 1.77
N GLN B 388 -29.65 -8.49 1.05
CA GLN B 388 -28.67 -9.58 0.91
C GLN B 388 -27.93 -9.84 2.23
N TRP B 389 -27.71 -8.82 3.03
CA TRP B 389 -27.08 -9.00 4.37
C TRP B 389 -27.92 -9.89 5.27
N ARG B 390 -29.21 -9.58 5.33
CA ARG B 390 -30.10 -10.24 6.31
C ARG B 390 -30.79 -11.43 5.67
N HIS B 391 -30.90 -11.45 4.35
CA HIS B 391 -31.70 -12.49 3.69
C HIS B 391 -31.07 -12.98 2.40
N PHE B 392 -29.76 -13.23 2.42
CA PHE B 392 -29.05 -13.59 1.18
C PHE B 392 -29.77 -14.69 0.41
N GLY B 393 -30.09 -14.43 -0.84
CA GLY B 393 -30.64 -15.47 -1.72
C GLY B 393 -32.12 -15.68 -1.64
N ALA B 394 -32.81 -15.02 -0.72
CA ALA B 394 -34.27 -15.12 -0.64
C ALA B 394 -34.90 -14.55 -1.92
N ALA B 395 -36.09 -15.05 -2.25
CA ALA B 395 -36.83 -14.60 -3.44
C ALA B 395 -37.47 -13.27 -3.16
N TYR B 396 -37.05 -12.23 -3.86
CA TYR B 396 -37.62 -10.89 -3.66
C TYR B 396 -39.01 -10.77 -4.25
N LYS B 397 -39.88 -10.05 -3.57
CA LYS B 397 -41.18 -9.67 -4.16
C LYS B 397 -41.23 -8.16 -4.26
N ASP B 398 -41.39 -7.50 -3.12
CA ASP B 398 -41.40 -6.02 -3.07
C ASP B 398 -40.93 -5.56 -1.70
N MET B 399 -40.87 -4.24 -1.53
CA MET B 399 -40.30 -3.64 -0.30
C MET B 399 -41.25 -3.75 0.89
N HIS B 400 -42.48 -4.18 0.66
CA HIS B 400 -43.54 -4.22 1.69
C HIS B 400 -43.64 -5.58 2.34
N THR B 401 -42.89 -6.55 1.83
CA THR B 401 -43.03 -7.96 2.23
C THR B 401 -42.19 -8.28 3.46
N ASP B 402 -42.70 -9.19 4.29
CA ASP B 402 -41.94 -9.74 5.43
C ASP B 402 -41.10 -10.91 4.94
N TYR B 403 -39.79 -10.79 5.07
CA TYR B 403 -38.86 -11.82 4.60
C TYR B 403 -38.27 -12.58 5.79
N THR B 404 -38.80 -12.31 6.98
CA THR B 404 -38.24 -12.86 8.22
C THR B 404 -38.04 -14.36 8.10
N GLY B 405 -36.80 -14.78 8.27
CA GLY B 405 -36.46 -16.22 8.22
C GLY B 405 -36.14 -16.77 6.85
N GLN B 406 -36.26 -15.96 5.80
CA GLN B 406 -35.89 -16.44 4.45
C GLN B 406 -34.44 -16.08 4.14
N GLY B 407 -33.74 -17.01 3.50
CA GLY B 407 -32.36 -16.76 3.07
C GLY B 407 -31.39 -16.77 4.22
N VAL B 408 -30.17 -16.36 3.94
CA VAL B 408 -29.08 -16.42 4.94
C VAL B 408 -28.93 -15.09 5.65
N ASP B 409 -29.03 -15.10 6.97
CA ASP B 409 -28.74 -13.89 7.76
C ASP B 409 -27.24 -13.84 8.02
N GLN B 410 -26.52 -13.20 7.12
CA GLN B 410 -25.05 -13.15 7.18
C GLN B 410 -24.61 -12.35 8.40
N LEU B 411 -25.34 -11.30 8.71
CA LEU B 411 -24.93 -10.40 9.81
C LEU B 411 -25.00 -11.15 11.13
N LYS B 412 -26.08 -11.90 11.32
CA LYS B 412 -26.21 -12.72 12.53
C LYS B 412 -25.07 -13.73 12.62
N ASN B 413 -24.78 -14.40 11.52
CA ASN B 413 -23.70 -15.41 11.46
C ASN B 413 -22.34 -14.83 11.83
N VAL B 414 -22.03 -13.66 11.28
CA VAL B 414 -20.76 -12.98 11.57
C VAL B 414 -20.65 -12.68 13.06
N ILE B 415 -21.71 -12.12 13.61
CA ILE B 415 -21.74 -11.75 15.04
C ILE B 415 -21.58 -12.99 15.92
N GLN B 416 -22.34 -14.03 15.65
CA GLN B 416 -22.26 -15.29 16.42
C GLN B 416 -20.87 -15.90 16.33
N MET B 417 -20.23 -15.82 15.17
CA MET B 417 -18.87 -16.36 15.02
C MET B 417 -17.87 -15.49 15.80
N LEU B 418 -18.06 -14.19 15.79
CA LEU B 418 -17.20 -13.29 16.57
C LEU B 418 -17.30 -13.59 18.05
N ARG B 419 -18.49 -13.91 18.52
CA ARG B 419 -18.73 -14.12 19.96
C ARG B 419 -18.25 -15.49 20.44
N THR B 420 -18.14 -16.46 19.52
CA THR B 420 -17.89 -17.87 19.90
C THR B 420 -16.57 -18.44 19.38
N ASN B 421 -16.11 -17.97 18.22
CA ASN B 421 -14.91 -18.54 17.60
C ASN B 421 -14.22 -17.48 16.76
N PRO B 422 -13.67 -16.43 17.41
CA PRO B 422 -13.17 -15.25 16.71
C PRO B 422 -11.88 -15.42 15.92
N THR B 423 -11.34 -16.62 15.92
CA THR B 423 -10.16 -16.97 15.10
C THR B 423 -10.58 -17.55 13.76
N ASP B 424 -11.89 -17.79 13.60
CA ASP B 424 -12.44 -18.29 12.33
C ASP B 424 -12.07 -17.30 11.22
N ARG B 425 -11.82 -17.81 10.02
CA ARG B 425 -11.36 -16.94 8.92
C ARG B 425 -12.41 -16.76 7.84
N ARG B 426 -13.67 -17.02 8.17
CA ARG B 426 -14.77 -16.97 7.19
C ARG B 426 -15.82 -15.93 7.59
N MET B 427 -15.43 -14.96 8.41
CA MET B 427 -16.36 -13.94 8.91
C MET B 427 -16.53 -12.85 7.87
N LEU B 428 -17.30 -13.18 6.84
CA LEU B 428 -17.58 -12.28 5.71
C LEU B 428 -19.07 -12.04 5.56
N MET B 429 -19.36 -10.91 4.96
CA MET B 429 -20.71 -10.52 4.57
C MET B 429 -20.60 -9.99 3.16
N THR B 430 -21.47 -10.44 2.27
CA THR B 430 -21.45 -9.97 0.87
C THR B 430 -22.83 -9.49 0.45
N ALA B 431 -22.85 -8.53 -0.47
CA ALA B 431 -24.10 -8.02 -1.05
C ALA B 431 -24.15 -8.44 -2.51
N TRP B 432 -23.07 -9.04 -2.98
CA TRP B 432 -22.93 -9.36 -4.42
C TRP B 432 -23.57 -10.71 -4.72
N ASN B 433 -24.79 -10.68 -5.22
CA ASN B 433 -25.52 -11.90 -5.56
C ASN B 433 -25.84 -11.83 -7.04
N PRO B 434 -24.99 -12.41 -7.91
CA PRO B 434 -25.20 -12.41 -9.36
C PRO B 434 -26.57 -12.87 -9.85
N ALA B 435 -27.27 -13.66 -9.05
CA ALA B 435 -28.61 -14.12 -9.38
C ALA B 435 -29.62 -12.98 -9.25
N ALA B 436 -29.31 -12.00 -8.43
CA ALA B 436 -30.27 -10.95 -8.07
C ALA B 436 -29.92 -9.59 -8.66
N LEU B 437 -28.76 -9.46 -9.30
CA LEU B 437 -28.26 -8.15 -9.77
C LEU B 437 -29.26 -7.41 -10.63
N ASP B 438 -29.86 -8.11 -11.58
CA ASP B 438 -30.77 -7.49 -12.58
C ASP B 438 -32.03 -6.96 -11.91
N GLU B 439 -32.33 -7.41 -10.70
CA GLU B 439 -33.54 -6.99 -9.98
C GLU B 439 -33.26 -5.76 -9.16
N MET B 440 -31.98 -5.43 -8.99
CA MET B 440 -31.60 -4.29 -8.13
C MET B 440 -31.65 -3.00 -8.93
N ALA B 441 -32.00 -1.92 -8.25
CA ALA B 441 -31.96 -0.59 -8.87
C ALA B 441 -30.51 -0.29 -9.24
N LEU B 442 -29.60 -0.71 -8.39
CA LEU B 442 -28.18 -0.45 -8.64
C LEU B 442 -27.41 -1.60 -8.03
N PRO B 443 -26.50 -2.20 -8.82
CA PRO B 443 -25.58 -3.18 -8.25
C PRO B 443 -24.82 -2.54 -7.11
N PRO B 444 -24.60 -3.28 -6.01
CA PRO B 444 -23.91 -2.69 -4.87
C PRO B 444 -22.48 -2.26 -5.21
N CYS B 445 -22.05 -1.17 -4.58
CA CYS B 445 -20.69 -0.65 -4.75
C CYS B 445 -19.81 -1.26 -3.68
N HIS B 446 -20.23 -1.09 -2.45
CA HIS B 446 -19.53 -1.72 -1.31
C HIS B 446 -20.11 -3.11 -1.18
N LEU B 447 -19.34 -4.12 -1.56
CA LEU B 447 -19.97 -5.41 -1.85
C LEU B 447 -19.53 -6.52 -0.93
N LEU B 448 -18.50 -6.30 -0.14
CA LEU B 448 -18.01 -7.38 0.73
C LEU B 448 -17.27 -6.77 1.90
N CYS B 449 -17.41 -7.39 3.07
CA CYS B 449 -16.61 -6.99 4.22
C CYS B 449 -16.20 -8.19 5.04
N GLN B 450 -15.02 -8.10 5.65
CA GLN B 450 -14.46 -9.20 6.43
C GLN B 450 -14.03 -8.69 7.80
N PHE B 451 -14.28 -9.51 8.80
CA PHE B 451 -13.93 -9.16 10.20
C PHE B 451 -12.78 -10.00 10.68
N TYR B 452 -12.07 -9.46 11.67
CA TYR B 452 -10.84 -10.06 12.18
C TYR B 452 -10.63 -9.62 13.61
N VAL B 453 -10.30 -10.59 14.46
CA VAL B 453 -10.02 -10.31 15.88
C VAL B 453 -8.60 -10.74 16.14
N ASN B 454 -7.87 -9.91 16.85
CA ASN B 454 -6.51 -10.33 17.25
C ASN B 454 -6.51 -10.93 18.66
N ASP B 455 -5.33 -10.96 19.24
CA ASP B 455 -5.14 -11.62 20.56
C ASP B 455 -5.62 -10.71 21.69
N GLN B 456 -5.88 -9.43 21.41
CA GLN B 456 -6.21 -8.40 22.41
C GLN B 456 -7.68 -8.08 22.38
N LYS B 457 -8.48 -8.95 21.77
CA LYS B 457 -9.90 -8.67 21.55
C LYS B 457 -10.10 -7.34 20.83
N GLU B 458 -9.26 -7.06 19.85
CA GLU B 458 -9.39 -5.87 18.99
C GLU B 458 -10.02 -6.28 17.65
N LEU B 459 -11.05 -5.56 17.24
CA LEU B 459 -11.76 -5.88 15.99
C LEU B 459 -11.31 -4.98 14.84
N SER B 460 -10.95 -5.58 13.73
CA SER B 460 -10.69 -4.83 12.50
C SER B 460 -11.68 -5.26 11.42
N CYS B 461 -11.89 -4.39 10.46
CA CYS B 461 -12.82 -4.66 9.35
C CYS B 461 -12.22 -4.20 8.04
N ILE B 462 -12.33 -5.05 7.03
CA ILE B 462 -11.97 -4.73 5.64
C ILE B 462 -13.28 -4.61 4.88
N MET B 463 -13.41 -3.62 4.03
CA MET B 463 -14.53 -3.57 3.07
C MET B 463 -13.97 -3.44 1.66
N TYR B 464 -14.51 -4.21 0.73
CA TYR B 464 -14.14 -4.12 -0.70
C TYR B 464 -15.22 -3.36 -1.45
N GLN B 465 -14.79 -2.35 -2.19
CA GLN B 465 -15.71 -1.51 -2.95
C GLN B 465 -15.32 -1.56 -4.41
N ARG B 466 -16.17 -2.10 -5.26
CA ARG B 466 -15.88 -2.26 -6.69
C ARG B 466 -15.73 -0.92 -7.38
N SER B 467 -16.50 0.06 -6.93
CA SER B 467 -16.64 1.35 -7.64
C SER B 467 -16.69 2.49 -6.65
N CYS B 468 -15.77 3.42 -6.77
CA CYS B 468 -15.55 4.44 -5.72
C CYS B 468 -15.59 5.83 -6.31
N ASP B 469 -16.68 6.54 -6.04
CA ASP B 469 -16.78 7.97 -6.33
C ASP B 469 -15.99 8.69 -5.25
N VAL B 470 -14.73 8.95 -5.55
CA VAL B 470 -13.77 9.54 -4.58
C VAL B 470 -14.30 10.84 -4.00
N GLY B 471 -14.88 11.68 -4.84
CA GLY B 471 -15.42 12.97 -4.40
C GLY B 471 -16.59 12.84 -3.46
N LEU B 472 -17.63 12.17 -3.88
CA LEU B 472 -18.92 12.16 -3.17
C LEU B 472 -19.05 11.00 -2.20
N GLY B 473 -18.86 9.78 -2.71
CA GLY B 473 -19.18 8.56 -1.97
C GLY B 473 -18.15 8.14 -0.94
N VAL B 474 -16.87 8.19 -1.30
CA VAL B 474 -15.79 7.62 -0.46
C VAL B 474 -15.85 8.10 0.98
N PRO B 475 -15.91 9.41 1.26
CA PRO B 475 -15.96 9.86 2.64
C PRO B 475 -17.14 9.26 3.40
N PHE B 476 -18.25 9.15 2.70
CA PHE B 476 -19.49 8.60 3.25
C PHE B 476 -19.31 7.11 3.54
N ASN B 477 -18.68 6.40 2.62
CA ASN B 477 -18.39 4.96 2.80
C ASN B 477 -17.42 4.70 3.95
N ILE B 478 -16.42 5.53 4.10
CA ILE B 478 -15.45 5.42 5.22
C ILE B 478 -16.18 5.49 6.55
N ALA B 479 -17.03 6.49 6.70
CA ALA B 479 -17.81 6.72 7.93
C ALA B 479 -18.76 5.57 8.20
N SER B 480 -19.42 5.09 7.14
CA SER B 480 -20.43 4.02 7.23
C SER B 480 -19.86 2.72 7.81
N TYR B 481 -18.77 2.24 7.25
CA TYR B 481 -18.21 0.93 7.69
C TYR B 481 -17.39 1.07 8.96
N SER B 482 -16.89 2.26 9.23
CA SER B 482 -16.22 2.54 10.51
C SER B 482 -17.25 2.48 11.61
N LEU B 483 -18.46 2.94 11.31
CA LEU B 483 -19.55 2.95 12.29
C LEU B 483 -20.03 1.53 12.55
N LEU B 484 -20.21 0.78 11.48
CA LEU B 484 -20.58 -0.64 11.57
C LEU B 484 -19.58 -1.38 12.44
N THR B 485 -18.31 -1.04 12.31
CA THR B 485 -17.26 -1.69 13.10
C THR B 485 -17.46 -1.36 14.57
N LEU B 486 -17.73 -0.11 14.89
CA LEU B 486 -18.05 0.30 16.28
C LEU B 486 -19.22 -0.52 16.81
N MET B 487 -20.28 -0.63 16.01
CA MET B 487 -21.52 -1.29 16.46
C MET B 487 -21.28 -2.76 16.71
N VAL B 488 -20.55 -3.39 15.81
CA VAL B 488 -20.24 -4.82 15.93
C VAL B 488 -19.31 -5.06 17.12
N ALA B 489 -18.27 -4.25 17.26
CA ALA B 489 -17.35 -4.36 18.41
C ALA B 489 -18.13 -4.36 19.72
N HIS B 490 -19.04 -3.40 19.87
CA HIS B 490 -19.81 -3.25 21.11
C HIS B 490 -20.64 -4.49 21.42
N VAL B 491 -21.36 -4.96 20.43
CA VAL B 491 -22.32 -6.08 20.64
C VAL B 491 -21.57 -7.39 20.83
N CYS B 492 -20.31 -7.45 20.42
CA CYS B 492 -19.49 -8.68 20.58
C CYS B 492 -18.50 -8.53 21.72
N ASN B 493 -18.59 -7.46 22.49
CA ASN B 493 -17.64 -7.21 23.59
C ASN B 493 -16.22 -7.10 23.08
N LEU B 494 -16.05 -6.36 22.00
CA LEU B 494 -14.71 -6.17 21.44
C LEU B 494 -14.30 -4.71 21.45
N LYS B 495 -13.03 -4.47 21.20
CA LYS B 495 -12.48 -3.11 21.07
C LYS B 495 -12.29 -2.83 19.59
N PRO B 496 -12.90 -1.76 19.06
CA PRO B 496 -12.69 -1.41 17.66
C PRO B 496 -11.27 -0.94 17.43
N LYS B 497 -10.60 -1.52 16.44
CA LYS B 497 -9.20 -1.18 16.14
C LYS B 497 -9.06 -0.44 14.82
N GLU B 498 -9.55 -1.05 13.74
CA GLU B 498 -9.17 -0.57 12.40
C GLU B 498 -10.23 -0.82 11.33
N PHE B 499 -10.44 0.20 10.51
CA PHE B 499 -11.18 0.03 9.26
C PHE B 499 -10.22 0.10 8.09
N ILE B 500 -10.33 -0.88 7.21
CA ILE B 500 -9.41 -1.04 6.05
C ILE B 500 -10.25 -1.00 4.79
N HIS B 501 -9.95 -0.03 3.93
CA HIS B 501 -10.75 0.24 2.72
C HIS B 501 -9.99 -0.28 1.50
N PHE B 502 -10.52 -1.30 0.85
CA PHE B 502 -9.99 -1.79 -0.42
C PHE B 502 -10.88 -1.30 -1.55
N MET B 503 -10.28 -0.71 -2.57
CA MET B 503 -11.02 0.00 -3.62
C MET B 503 -10.69 -0.56 -4.99
N GLY B 504 -11.72 -0.84 -5.79
CA GLY B 504 -11.52 -1.31 -7.16
C GLY B 504 -11.36 -0.16 -8.14
N ASN B 505 -12.38 0.07 -8.95
CA ASN B 505 -12.39 1.23 -9.86
C ASN B 505 -12.56 2.51 -9.05
N THR B 506 -11.48 3.25 -8.90
CA THR B 506 -11.41 4.41 -8.01
C THR B 506 -11.36 5.66 -8.88
N HIS B 507 -12.39 6.48 -8.84
CA HIS B 507 -12.53 7.55 -9.86
C HIS B 507 -12.97 8.89 -9.29
N VAL B 508 -12.58 9.95 -9.96
CA VAL B 508 -13.18 11.29 -9.74
C VAL B 508 -13.84 11.74 -11.01
N TYR B 509 -15.11 12.12 -10.90
CA TYR B 509 -15.87 12.70 -12.03
C TYR B 509 -15.23 14.02 -12.45
N THR B 510 -15.33 14.34 -13.73
CA THR B 510 -14.69 15.52 -14.33
C THR B 510 -15.31 16.79 -13.78
N ASN B 511 -16.59 16.71 -13.48
CA ASN B 511 -17.33 17.88 -12.98
C ASN B 511 -17.10 18.07 -11.48
N HIS B 512 -16.15 17.35 -10.90
CA HIS B 512 -15.81 17.51 -9.47
C HIS B 512 -14.41 18.09 -9.29
N VAL B 513 -13.59 18.01 -10.34
CA VAL B 513 -12.14 18.31 -10.23
C VAL B 513 -11.90 19.72 -9.65
N GLU B 514 -12.69 20.72 -10.08
CA GLU B 514 -12.57 22.14 -9.66
C GLU B 514 -12.79 22.28 -8.15
N ALA B 515 -13.85 21.63 -7.63
CA ALA B 515 -14.24 21.61 -6.21
C ALA B 515 -13.21 20.84 -5.39
N LEU B 516 -12.69 19.78 -5.97
CA LEU B 516 -11.74 18.90 -5.26
C LEU B 516 -10.43 19.64 -5.07
N LYS B 517 -10.09 20.51 -6.02
CA LYS B 517 -8.86 21.30 -5.94
C LYS B 517 -8.95 22.33 -4.82
N GLU B 518 -10.14 22.88 -4.61
CA GLU B 518 -10.39 23.79 -3.49
C GLU B 518 -10.23 23.02 -2.19
N GLN B 519 -10.77 21.81 -2.18
CA GLN B 519 -10.73 20.96 -0.98
C GLN B 519 -9.28 20.70 -0.59
N LEU B 520 -8.42 20.53 -1.57
CA LEU B 520 -7.00 20.19 -1.33
C LEU B 520 -6.21 21.34 -0.72
N ARG B 521 -6.79 22.53 -0.67
CA ARG B 521 -6.08 23.70 -0.12
C ARG B 521 -6.34 23.81 1.37
N ARG B 522 -7.20 22.94 1.89
CA ARG B 522 -7.59 22.98 3.32
C ARG B 522 -6.76 21.99 4.11
N GLU B 523 -6.24 22.45 5.24
CA GLU B 523 -5.60 21.56 6.22
C GLU B 523 -6.66 20.84 7.03
N PRO B 524 -6.48 19.53 7.30
CA PRO B 524 -7.45 18.79 8.10
C PRO B 524 -7.47 19.24 9.56
N ARG B 525 -8.62 19.03 10.19
CA ARG B 525 -8.83 19.33 11.60
C ARG B 525 -8.77 17.99 12.31
N PRO B 526 -8.59 17.98 13.63
CA PRO B 526 -8.67 16.72 14.36
C PRO B 526 -9.99 15.99 14.12
N PHE B 527 -9.91 14.67 14.03
CA PHE B 527 -11.11 13.81 13.90
C PHE B 527 -11.90 13.90 15.19
N PRO B 528 -13.24 13.75 15.10
CA PRO B 528 -14.05 13.74 16.31
C PRO B 528 -14.05 12.34 16.94
N ILE B 529 -14.76 12.22 18.05
CA ILE B 529 -15.06 10.93 18.67
C ILE B 529 -16.53 10.65 18.41
N VAL B 530 -16.86 9.40 18.12
CA VAL B 530 -18.26 8.93 18.16
C VAL B 530 -18.44 8.04 19.36
N ASN B 531 -19.35 8.41 20.23
CA ASN B 531 -19.70 7.57 21.40
C ASN B 531 -21.02 6.86 21.14
N ILE B 532 -21.08 5.61 21.54
CA ILE B 532 -22.37 4.91 21.62
C ILE B 532 -22.96 5.24 22.97
N LEU B 533 -24.15 5.79 22.94
CA LEU B 533 -24.91 6.06 24.18
C LEU B 533 -25.72 4.82 24.52
N ASN B 534 -26.08 4.72 25.79
CA ASN B 534 -27.02 3.69 26.30
C ASN B 534 -26.49 2.30 26.00
N LYS B 535 -25.21 2.11 26.25
CA LYS B 535 -24.54 0.83 25.94
C LYS B 535 -25.23 -0.32 26.64
N GLU B 536 -25.63 -0.10 27.89
CA GLU B 536 -26.30 -1.12 28.73
C GLU B 536 -27.57 -1.65 28.08
N ARG B 537 -28.31 -0.79 27.40
CA ARG B 537 -29.59 -1.20 26.79
C ARG B 537 -29.29 -2.05 25.57
N ILE B 538 -28.15 -1.81 24.94
CA ILE B 538 -27.87 -2.33 23.58
C ILE B 538 -27.07 -3.63 23.63
N LYS B 539 -27.72 -4.72 23.29
CA LYS B 539 -27.15 -6.06 23.44
C LYS B 539 -27.06 -6.81 22.12
N GLU B 540 -27.90 -6.44 21.16
CA GLU B 540 -27.88 -7.05 19.83
C GLU B 540 -27.79 -5.97 18.76
N ILE B 541 -27.50 -6.39 17.55
CA ILE B 541 -27.24 -5.44 16.43
C ILE B 541 -28.52 -4.69 16.06
N ASP B 542 -29.66 -5.31 16.32
CA ASP B 542 -30.98 -4.74 15.95
C ASP B 542 -31.43 -3.69 16.95
N ASP B 543 -30.75 -3.60 18.09
CA ASP B 543 -31.16 -2.71 19.21
C ASP B 543 -30.81 -1.25 18.96
N PHE B 544 -29.78 -0.98 18.19
CA PHE B 544 -29.34 0.41 17.91
C PHE B 544 -30.46 1.25 17.32
N THR B 545 -30.59 2.48 17.81
CA THR B 545 -31.47 3.49 17.19
C THR B 545 -30.67 4.68 16.71
N ALA B 546 -31.35 5.57 16.00
CA ALA B 546 -30.77 6.81 15.46
C ALA B 546 -30.29 7.74 16.58
N GLU B 547 -30.70 7.45 17.82
CA GLU B 547 -30.44 8.34 18.96
C GLU B 547 -29.33 7.83 19.86
N ASP B 548 -28.79 6.67 19.59
CA ASP B 548 -27.81 6.08 20.52
C ASP B 548 -26.40 6.45 20.11
N PHE B 549 -26.24 7.54 19.36
CA PHE B 549 -24.90 8.01 18.95
C PHE B 549 -24.70 9.49 19.26
N GLU B 550 -23.47 9.80 19.66
CA GLU B 550 -23.01 11.15 19.99
C GLU B 550 -21.74 11.40 19.20
N VAL B 551 -21.72 12.46 18.40
CA VAL B 551 -20.48 12.83 17.68
C VAL B 551 -19.84 13.99 18.42
N VAL B 552 -18.62 13.80 18.87
CA VAL B 552 -17.99 14.75 19.81
C VAL B 552 -16.77 15.40 19.18
N GLY B 553 -16.76 16.73 19.12
CA GLY B 553 -15.62 17.52 18.68
C GLY B 553 -15.40 17.53 17.19
N TYR B 554 -16.48 17.53 16.43
CA TYR B 554 -16.41 17.57 14.95
C TYR B 554 -16.36 19.02 14.52
N VAL B 555 -15.28 19.39 13.86
CA VAL B 555 -15.08 20.80 13.43
C VAL B 555 -14.59 20.82 12.00
N PRO B 556 -15.44 20.42 11.04
CA PRO B 556 -15.00 20.36 9.66
C PRO B 556 -15.03 21.72 9.00
N HIS B 557 -14.33 21.87 7.89
CA HIS B 557 -14.53 22.99 6.97
C HIS B 557 -15.94 22.94 6.39
N GLY B 558 -16.33 24.00 5.70
CA GLY B 558 -17.68 24.10 5.12
C GLY B 558 -18.01 23.00 4.13
N ARG B 559 -19.30 22.76 3.95
CA ARG B 559 -19.84 21.91 2.85
C ARG B 559 -19.24 22.33 1.52
N ILE B 560 -18.95 21.37 0.67
CA ILE B 560 -18.72 21.68 -0.76
C ILE B 560 -19.77 20.93 -1.57
N GLN B 561 -20.55 21.67 -2.34
CA GLN B 561 -21.61 21.08 -3.18
C GLN B 561 -20.96 20.25 -4.28
N MET B 562 -21.40 19.01 -4.39
CA MET B 562 -20.96 18.09 -5.46
C MET B 562 -22.16 17.28 -5.92
N GLU B 563 -22.53 17.46 -7.20
CA GLU B 563 -23.71 16.81 -7.79
C GLU B 563 -23.52 15.31 -7.88
N MET B 564 -24.55 14.55 -7.53
CA MET B 564 -24.52 13.08 -7.74
C MET B 564 -24.75 12.77 -9.22
N ALA B 565 -23.82 12.02 -9.83
CA ALA B 565 -23.99 11.53 -11.21
C ALA B 565 -24.97 10.35 -11.17
N VAL B 566 -26.13 10.57 -11.79
CA VAL B 566 -27.23 9.56 -11.85
C VAL B 566 -26.99 8.65 -13.06
N1 UMP C . -5.63 -21.45 1.10
C2 UMP C . -4.95 -20.46 0.40
N3 UMP C . -5.28 -20.38 -0.93
C4 UMP C . -6.18 -21.18 -1.62
C5 UMP C . -6.83 -22.18 -0.83
C6 UMP C . -6.53 -22.28 0.48
O2 UMP C . -4.14 -19.72 0.91
O4 UMP C . -6.35 -20.99 -2.83
C1' UMP C . -5.32 -21.61 2.54
C2' UMP C . -5.73 -20.44 3.43
C3' UMP C . -5.82 -21.16 4.78
C4' UMP C . -6.46 -22.48 4.39
O3' UMP C . -4.54 -21.40 5.34
O4' UMP C . -6.05 -22.73 3.02
C5' UMP C . -7.97 -22.52 4.48
O5' UMP C . -8.34 -22.44 5.88
P UMP C . -9.54 -21.44 6.29
OP1 UMP C . -9.66 -21.55 7.80
OP2 UMP C . -9.11 -20.07 5.83
OP3 UMP C . -10.77 -21.97 5.55
PA NDP D . 37.87 -11.62 -26.14
O1A NDP D . 37.00 -10.44 -26.29
O2A NDP D . 38.27 -12.06 -24.76
O5B NDP D . 39.18 -11.43 -27.04
C5B NDP D . 40.12 -12.52 -27.16
C4B NDP D . 41.43 -11.96 -27.67
O4B NDP D . 41.73 -10.74 -26.95
C3B NDP D . 42.66 -12.85 -27.50
O3B NDP D . 42.81 -13.77 -28.56
C2B NDP D . 43.74 -11.77 -27.46
O2B NDP D . 43.89 -11.12 -28.73
C1B NDP D . 43.07 -10.77 -26.53
N9A NDP D . 43.11 -11.12 -25.11
C8A NDP D . 42.04 -11.40 -24.30
N7A NDP D . 42.38 -11.67 -23.06
C5A NDP D . 43.76 -11.55 -23.05
C6A NDP D . 44.72 -11.71 -22.03
N6A NDP D . 44.40 -12.02 -20.78
N1A NDP D . 46.02 -11.52 -22.35
C2A NDP D . 46.32 -11.19 -23.62
N3A NDP D . 45.50 -11.01 -24.66
C4A NDP D . 44.23 -11.21 -24.31
O3 NDP D . 37.20 -12.86 -26.89
PN NDP D . 35.96 -13.77 -26.43
O1N NDP D . 35.70 -14.77 -27.50
O2N NDP D . 36.22 -14.23 -25.04
O5D NDP D . 34.80 -12.68 -26.42
C5D NDP D . 34.09 -12.38 -27.66
C4D NDP D . 32.73 -13.00 -27.60
O4D NDP D . 32.04 -12.51 -26.42
C3D NDP D . 31.78 -12.67 -28.78
O3D NDP D . 30.91 -13.77 -29.05
C2D NDP D . 31.03 -11.47 -28.24
O2D NDP D . 29.78 -11.25 -28.89
C1D NDP D . 30.83 -11.88 -26.79
N1N NDP D . 30.59 -10.74 -25.88
C2N NDP D . 29.39 -10.60 -25.24
C3N NDP D . 29.29 -9.92 -24.06
C7N NDP D . 28.03 -10.03 -23.27
O7N NDP D . 27.90 -9.34 -22.26
N7N NDP D . 27.06 -10.84 -23.69
C4N NDP D . 30.44 -9.09 -23.63
C5N NDP D . 31.44 -8.90 -24.71
C6N NDP D . 31.55 -9.78 -25.67
P2B NDP D . 45.13 -11.62 -29.62
O1X NDP D . 44.90 -13.08 -29.90
O2X NDP D . 45.05 -10.78 -30.88
O3X NDP D . 46.41 -11.36 -28.84
N1 CB3 E . -4.58 -25.45 3.13
C2 CB3 E . -3.57 -24.68 3.66
NA2 CB3 E . -3.43 -24.65 4.99
N3 CB3 E . -2.75 -23.96 2.89
C4 CB3 E . -2.89 -23.99 1.54
O4 CB3 E . -2.10 -23.30 0.87
C4A CB3 E . -3.94 -24.79 0.91
C5 CB3 E . -4.14 -24.87 -0.47
C6 CB3 E . -5.14 -25.64 -1.00
C7 CB3 E . -5.98 -26.37 -0.13
C8 CB3 E . -5.81 -26.32 1.23
C8A CB3 E . -4.78 -25.53 1.76
C9 CB3 E . -5.35 -25.72 -2.50
N10 CB3 E . -4.20 -25.29 -3.28
C11 CB3 E . -0.46 -27.11 -2.88
C12 CB3 E . -0.64 -26.04 -3.75
C13 CB3 E . -1.87 -25.44 -3.88
C14 CB3 E . -2.97 -25.88 -3.14
C15 CB3 E . -2.78 -26.97 -2.27
C16 CB3 E . -1.55 -27.57 -2.14
C CB3 E . 0.90 -27.73 -2.80
O CB3 E . 1.05 -28.91 -2.48
N CB3 E . 1.91 -26.97 -3.20
CA CB3 E . 2.94 -27.45 -4.11
CB CB3 E . 3.95 -26.34 -4.41
CG CB3 E . 3.28 -25.01 -4.73
CD CB3 E . 4.09 -23.79 -4.35
OE1 CB3 E . 3.53 -22.89 -3.68
OE2 CB3 E . 5.27 -23.72 -4.72
CT CB3 E . 3.61 -28.72 -3.53
O1 CB3 E . 3.53 -28.88 -2.30
O2 CB3 E . 4.17 -29.48 -4.34
CP1 CB3 E . -4.40 -24.18 -4.21
CP2 CB3 E . -3.75 -22.95 -3.73
CP3 CB3 E . -3.25 -21.98 -3.30
N7 K9A F . 25.40 -5.72 -20.54
C17 K9A F . 26.16 -5.70 -21.63
N4 K9A F . 25.57 -5.72 -22.84
C16 K9A F . 26.35 -5.70 -24.00
N5 K9A F . 27.50 -5.67 -21.51
C18 K9A F . 28.29 -5.64 -22.60
N6 K9A F . 29.62 -5.61 -22.48
C15 K9A F . 27.74 -5.65 -23.89
N3 K9A F . 28.48 -5.65 -25.03
C12 K9A F . 29.29 -4.47 -25.50
C11 K9A F . 29.82 -4.90 -26.86
C13 K9A F . 28.42 -6.91 -25.85
C14 K9A F . 28.06 -6.55 -27.29
N2 K9A F . 28.64 -5.23 -27.64
C9 K9A F . 28.05 -4.40 -28.52
C8 K9A F . 28.41 -3.06 -28.63
C7 K9A F . 27.77 -2.23 -29.54
C6 K9A F . 26.75 -2.74 -30.36
C10 K9A F . 27.04 -4.89 -29.35
C5 K9A F . 26.39 -4.08 -30.27
C3 K9A F . 25.37 -4.63 -31.07
C2 K9A F . 24.21 -3.90 -31.38
N K9A F . 23.21 -4.49 -32.20
C4 K9A F . 25.47 -5.93 -31.59
N1 K9A F . 24.45 -6.46 -32.38
C1 K9A F . 23.35 -5.73 -32.67
C K9A F . 22.34 -6.29 -33.46
C1 EDO G . 21.79 -7.54 -27.72
O1 EDO G . 21.85 -7.20 -29.10
C2 EDO G . 21.89 -6.39 -26.79
O2 EDO G . 22.90 -6.53 -25.82
N1 UMP H . -21.03 4.96 -5.35
C2 UMP H . -20.09 5.07 -4.33
N3 UMP H . -20.45 4.51 -3.14
C4 UMP H . -21.63 3.87 -2.84
C5 UMP H . -22.57 3.80 -3.93
C6 UMP H . -22.25 4.34 -5.11
O2 UMP H . -19.01 5.62 -4.50
O4 UMP H . -21.82 3.42 -1.71
C1' UMP H . -20.72 5.55 -6.67
C2' UMP H . -19.60 4.86 -7.44
C3' UMP H . -19.99 5.16 -8.88
C4' UMP H . -21.51 5.03 -8.82
O3' UMP H . -19.65 6.49 -9.25
O4' UMP H . -21.89 5.42 -7.48
C5' UMP H . -22.03 3.65 -9.12
O5' UMP H . -22.15 3.48 -10.56
P UMP H . -21.56 2.14 -11.26
OP1 UMP H . -21.32 2.52 -12.71
OP2 UMP H . -20.28 1.78 -10.52
OP3 UMP H . -22.64 1.10 -11.10
PA NDP I . -0.60 34.58 33.01
O1A NDP I . -0.11 33.21 33.37
O2A NDP I . -0.32 35.12 31.65
O5B NDP I . -0.09 35.62 34.11
C5B NDP I . -0.67 36.96 34.11
C4B NDP I . 0.18 37.86 34.97
O4B NDP I . 1.54 37.90 34.45
C3B NDP I . -0.25 39.33 35.06
O3B NDP I . -1.24 39.54 36.06
C2B NDP I . 1.08 40.00 35.37
O2B NDP I . 1.42 39.76 36.73
C1B NDP I . 2.00 39.23 34.43
N9A NDP I . 1.97 39.71 33.05
C8A NDP I . 1.09 39.34 32.06
N7A NDP I . 1.31 39.94 30.91
C5A NDP I . 2.40 40.76 31.16
C6A NDP I . 3.10 41.66 30.35
N6A NDP I . 2.80 41.88 29.06
N1A NDP I . 4.14 42.32 30.90
C2A NDP I . 4.43 42.10 32.19
N3A NDP I . 3.84 41.28 33.05
C4A NDP I . 2.82 40.63 32.48
O3 NDP I . -2.18 34.64 33.27
PN NDP I . -3.43 34.36 32.31
O1N NDP I . -4.69 34.68 33.05
O2N NDP I . -3.18 35.05 31.01
O5D NDP I . -3.30 32.78 32.13
C5D NDP I . -3.65 31.90 33.21
C4D NDP I . -4.58 30.83 32.70
O4D NDP I . -4.02 30.25 31.49
C3D NDP I . -4.85 29.64 33.64
O3D NDP I . -6.23 29.31 33.66
C2D NDP I . -3.99 28.53 33.03
O2D NDP I . -4.50 27.24 33.32
C1D NDP I . -4.10 28.86 31.55
N1N NDP I . -2.99 28.29 30.72
C2N NDP I . -3.28 27.63 29.56
C3N NDP I . -2.33 26.95 28.84
C7N NDP I . -2.77 26.04 27.76
O7N NDP I . -1.94 25.58 26.98
N7N NDP I . -4.06 25.74 27.65
C4N NDP I . -0.90 27.20 29.18
C5N NDP I . -0.72 27.76 30.52
C6N NDP I . -1.67 28.45 31.10
P2B NDP I . 2.25 40.95 37.42
O1X NDP I . 1.28 42.10 37.60
O2X NDP I . 2.75 40.39 38.73
O3X NDP I . 3.40 41.31 36.49
N1 CB3 J . -23.91 7.72 -7.37
C2 CB3 J . -22.71 8.29 -7.69
NA2 CB3 J . -22.41 8.43 -8.98
N3 CB3 J . -21.83 8.67 -6.76
C4 CB3 J . -22.14 8.51 -5.44
O4 CB3 J . -21.30 8.89 -4.61
C4A CB3 J . -23.42 7.92 -5.03
C5 CB3 J . -23.79 7.73 -3.69
C6 CB3 J . -25.00 7.19 -3.37
C7 CB3 J . -25.88 6.79 -4.41
C8 CB3 J . -25.52 6.95 -5.72
C8A CB3 J . -24.30 7.52 -6.06
C9 CB3 J . -25.40 7.00 -1.93
N10 CB3 J . -24.76 7.94 -1.00
C11 CB3 J . -24.94 12.10 -1.55
C12 CB3 J . -24.11 11.55 -0.58
C13 CB3 J . -24.05 10.18 -0.40
C14 CB3 J . -24.82 9.31 -1.18
C15 CB3 J . -25.64 9.88 -2.18
C16 CB3 J . -25.70 11.25 -2.35
C CB3 J . -25.06 13.58 -1.83
O CB3 J . -25.73 13.97 -2.79
N CB3 J . -24.34 14.43 -1.08
CA CB3 J . -24.33 14.41 0.37
CB CB3 J . -22.93 14.73 0.91
CG CB3 J . -22.31 13.61 1.72
CD CB3 J . -20.80 13.65 1.83
OE1 CB3 J . -20.28 14.60 2.45
OE2 CB3 J . -20.13 12.74 1.30
CT CB3 J . -25.38 15.40 0.90
O1 CB3 J . -26.39 15.59 0.18
O2 CB3 J . -25.17 15.96 2.00
CP1 CB3 J . -24.06 7.36 0.13
CP2 CB3 J . -22.72 6.89 -0.25
CP3 CB3 J . -21.63 6.54 -0.51
N7 K9A K . 0.44 21.78 24.77
C17 K9A K . 0.52 22.28 26.00
N4 K9A K . 0.02 21.57 27.03
C16 K9A K . 0.10 22.06 28.32
N5 K9A K . 1.09 23.48 26.23
C18 K9A K . 1.20 23.99 27.48
N6 K9A K . 1.77 25.18 27.68
C15 K9A K . 0.71 23.28 28.58
N3 K9A K . 0.72 23.74 29.86
C12 K9A K . 1.96 24.03 30.70
C11 K9A K . 1.35 24.34 32.08
C13 K9A K . -0.64 23.85 30.47
C14 K9A K . -0.69 23.01 31.75
N2 K9A K . 0.59 23.17 32.47
C9 K9A K . 0.99 22.21 33.33
C8 K9A K . 2.33 22.02 33.65
C7 K9A K . 2.70 20.99 34.53
C6 K9A K . 1.73 20.15 35.09
C10 K9A K . 0.02 21.35 33.88
C5 K9A K . 0.38 20.32 34.76
C3 K9A K . -0.62 19.49 35.30
C2 K9A K . -0.44 18.11 35.36
N K9A K . -1.45 17.30 35.91
C4 K9A K . -1.81 20.02 35.79
N1 K9A K . -2.80 19.16 36.31
C1 K9A K . -2.59 17.83 36.37
C K9A K . -3.58 17.00 36.91
#